data_7LCB
# 
_entry.id   7LCB 
# 
_audit_conform.dict_name       mmcif_pdbx.dic 
_audit_conform.dict_version    5.380 
_audit_conform.dict_location   http://mmcif.pdb.org/dictionaries/ascii/mmcif_pdbx.dic 
# 
loop_
_database_2.database_id 
_database_2.database_code 
_database_2.pdbx_database_accession 
_database_2.pdbx_DOI 
PDB   7LCB         pdb_00007lcb 10.2210/pdb7lcb/pdb 
WWPDB D_1000254073 ?            ?                   
# 
_pdbx_database_status.status_code                     REL 
_pdbx_database_status.status_code_sf                  REL 
_pdbx_database_status.status_code_mr                  ? 
_pdbx_database_status.entry_id                        7LCB 
_pdbx_database_status.recvd_initial_deposition_date   2021-01-10 
_pdbx_database_status.SG_entry                        N 
_pdbx_database_status.deposit_site                    RCSB 
_pdbx_database_status.process_site                    RCSB 
_pdbx_database_status.status_code_cs                  ? 
_pdbx_database_status.status_code_nmr_data            ? 
_pdbx_database_status.methods_development_category    ? 
_pdbx_database_status.pdb_format_compatible           Y 
# 
loop_
_audit_author.name 
_audit_author.pdbx_ordinal 
_audit_author.identifier_ORCID 
'Katti, S.S.'   1 0000-0001-6878-6474 
'Krieger, I.V.' 2 0000-0001-7144-3069 
# 
_citation.abstract                  ? 
_citation.abstract_id_CAS           ? 
_citation.book_id_ISBN              ? 
_citation.book_publisher            ? 
_citation.book_publisher_city       ? 
_citation.book_title                ? 
_citation.coordinate_linkage        ? 
_citation.country                   UK 
_citation.database_id_Medline       ? 
_citation.details                   ? 
_citation.id                        primary 
_citation.journal_abbrev            'Nat Commun' 
_citation.journal_id_ASTM           ? 
_citation.journal_id_CSD            ? 
_citation.journal_id_ISSN           2041-1723 
_citation.journal_full              ? 
_citation.journal_issue             ? 
_citation.journal_volume            13 
_citation.language                  ? 
_citation.page_first                2695 
_citation.page_last                 2695 
_citation.title                     
'Structural anatomy of Protein Kinase C C1 domain interactions with diacylglycerol and other agonists.' 
_citation.year                      2022 
_citation.database_id_CSD           ? 
_citation.pdbx_database_id_DOI      10.1038/s41467-022-30389-2 
_citation.pdbx_database_id_PubMed   35577811 
_citation.unpublished_flag          ? 
# 
loop_
_citation_author.citation_id 
_citation_author.name 
_citation_author.ordinal 
_citation_author.identifier_ORCID 
primary 'Katti, S.S.'       1 ?                   
primary 'Krieger, I.V.'     2 0000-0001-7144-3069 
primary 'Ann, J.'           3 0000-0002-5043-8014 
primary 'Lee, J.'           4 0000-0002-7832-6719 
primary 'Sacchettini, J.C.' 5 0000-0001-5767-2367 
primary 'Igumenova, T.I.'   6 0000-0003-3772-7484 
# 
_cell.angle_alpha                  90.000 
_cell.angle_alpha_esd              ? 
_cell.angle_beta                   97.290 
_cell.angle_beta_esd               ? 
_cell.angle_gamma                  90.000 
_cell.angle_gamma_esd              ? 
_cell.entry_id                     7LCB 
_cell.details                      ? 
_cell.formula_units_Z              ? 
_cell.length_a                     34.402 
_cell.length_a_esd                 ? 
_cell.length_b                     25.869 
_cell.length_b_esd                 ? 
_cell.length_c                     57.964 
_cell.length_c_esd                 ? 
_cell.volume                       ? 
_cell.volume_esd                   ? 
_cell.Z_PDB                        4 
_cell.reciprocal_angle_alpha       ? 
_cell.reciprocal_angle_beta        ? 
_cell.reciprocal_angle_gamma       ? 
_cell.reciprocal_angle_alpha_esd   ? 
_cell.reciprocal_angle_beta_esd    ? 
_cell.reciprocal_angle_gamma_esd   ? 
_cell.reciprocal_length_a          ? 
_cell.reciprocal_length_b          ? 
_cell.reciprocal_length_c          ? 
_cell.reciprocal_length_a_esd      ? 
_cell.reciprocal_length_b_esd      ? 
_cell.reciprocal_length_c_esd      ? 
_cell.pdbx_unique_axis             ? 
# 
_symmetry.entry_id                         7LCB 
_symmetry.cell_setting                     ? 
_symmetry.Int_Tables_number                5 
_symmetry.space_group_name_Hall            ? 
_symmetry.space_group_name_H-M             'C 1 2 1' 
_symmetry.pdbx_full_space_group_name_H-M   ? 
# 
loop_
_entity.id 
_entity.type 
_entity.src_method 
_entity.pdbx_description 
_entity.formula_weight 
_entity.pdbx_number_of_molecules 
_entity.pdbx_ec 
_entity.pdbx_mutation 
_entity.pdbx_fragment 
_entity.details 
1 polymer     man 'Protein kinase C delta type'                                                                                 
6097.217 1  2.7.11.13 ? ? ? 
2 non-polymer syn 'ZINC ION'                                                                                                    
65.409   2  ?         ? ? ? 
3 non-polymer syn prostratin                                                                                                    
390.470  1  ?         ? ? ? 
4 non-polymer syn '(4S,7R)-7-(heptanoyloxy)-4-hydroxy-N,N,N-trimethyl-10-oxo-3,5,9-trioxa-4-phosphahexadecan-1-aminium 4-oxide' 
482.568  1  ?         ? ? ? 
5 water       nat water                                                                                                         
18.015   38 ?         ? ? ? 
# 
_entity_name_com.entity_id   1 
_entity_name_com.name        nPKC-delta 
# 
_entity_poly.entity_id                      1 
_entity_poly.type                           'polypeptide(L)' 
_entity_poly.nstd_linkage                   no 
_entity_poly.nstd_monomer                   no 
_entity_poly.pdbx_seq_one_letter_code       MPHRFKVYNYMSPTFCDHCGSLLWGLVKQGLKCEDCGMNVHHKCREKVANLCG 
_entity_poly.pdbx_seq_one_letter_code_can   MPHRFKVYNYMSPTFCDHCGSLLWGLVKQGLKCEDCGMNVHHKCREKVANLCG 
_entity_poly.pdbx_strand_id                 A 
_entity_poly.pdbx_target_identifier         ? 
# 
loop_
_entity_poly_seq.entity_id 
_entity_poly_seq.num 
_entity_poly_seq.mon_id 
_entity_poly_seq.hetero 
1 1  MET n 
1 2  PRO n 
1 3  HIS n 
1 4  ARG n 
1 5  PHE n 
1 6  LYS n 
1 7  VAL n 
1 8  TYR n 
1 9  ASN n 
1 10 TYR n 
1 11 MET n 
1 12 SER n 
1 13 PRO n 
1 14 THR n 
1 15 PHE n 
1 16 CYS n 
1 17 ASP n 
1 18 HIS n 
1 19 CYS n 
1 20 GLY n 
1 21 SER n 
1 22 LEU n 
1 23 LEU n 
1 24 TRP n 
1 25 GLY n 
1 26 LEU n 
1 27 VAL n 
1 28 LYS n 
1 29 GLN n 
1 30 GLY n 
1 31 LEU n 
1 32 LYS n 
1 33 CYS n 
1 34 GLU n 
1 35 ASP n 
1 36 CYS n 
1 37 GLY n 
1 38 MET n 
1 39 ASN n 
1 40 VAL n 
1 41 HIS n 
1 42 HIS n 
1 43 LYS n 
1 44 CYS n 
1 45 ARG n 
1 46 GLU n 
1 47 LYS n 
1 48 VAL n 
1 49 ALA n 
1 50 ASN n 
1 51 LEU n 
1 52 CYS n 
1 53 GLY n 
# 
_entity_src_gen.entity_id                          1 
_entity_src_gen.pdbx_src_id                        1 
_entity_src_gen.pdbx_alt_source_flag               sample 
_entity_src_gen.pdbx_seq_type                      'Biological sequence' 
_entity_src_gen.pdbx_beg_seq_num                   1 
_entity_src_gen.pdbx_end_seq_num                   53 
_entity_src_gen.gene_src_common_name               Rat 
_entity_src_gen.gene_src_genus                     ? 
_entity_src_gen.pdbx_gene_src_gene                 'Prkcd, rCG_42255' 
_entity_src_gen.gene_src_species                   ? 
_entity_src_gen.gene_src_strain                    ? 
_entity_src_gen.gene_src_tissue                    ? 
_entity_src_gen.gene_src_tissue_fraction           ? 
_entity_src_gen.gene_src_details                   ? 
_entity_src_gen.pdbx_gene_src_fragment             ? 
_entity_src_gen.pdbx_gene_src_scientific_name      'Rattus norvegicus' 
_entity_src_gen.pdbx_gene_src_ncbi_taxonomy_id     10116 
_entity_src_gen.pdbx_gene_src_variant              ? 
_entity_src_gen.pdbx_gene_src_cell_line            ? 
_entity_src_gen.pdbx_gene_src_atcc                 ? 
_entity_src_gen.pdbx_gene_src_organ                ? 
_entity_src_gen.pdbx_gene_src_organelle            ? 
_entity_src_gen.pdbx_gene_src_cell                 ? 
_entity_src_gen.pdbx_gene_src_cellular_location    ? 
_entity_src_gen.host_org_common_name               ? 
_entity_src_gen.pdbx_host_org_scientific_name      'Escherichia coli BL21(DE3)' 
_entity_src_gen.pdbx_host_org_ncbi_taxonomy_id     469008 
_entity_src_gen.host_org_genus                     ? 
_entity_src_gen.pdbx_host_org_gene                 ? 
_entity_src_gen.pdbx_host_org_organ                ? 
_entity_src_gen.host_org_species                   ? 
_entity_src_gen.pdbx_host_org_tissue               ? 
_entity_src_gen.pdbx_host_org_tissue_fraction      ? 
_entity_src_gen.pdbx_host_org_strain               ? 
_entity_src_gen.pdbx_host_org_variant              ? 
_entity_src_gen.pdbx_host_org_cell_line            ? 
_entity_src_gen.pdbx_host_org_atcc                 ? 
_entity_src_gen.pdbx_host_org_culture_collection   ? 
_entity_src_gen.pdbx_host_org_cell                 ? 
_entity_src_gen.pdbx_host_org_organelle            ? 
_entity_src_gen.pdbx_host_org_cellular_location    ? 
_entity_src_gen.pdbx_host_org_vector_type          ? 
_entity_src_gen.pdbx_host_org_vector               ? 
_entity_src_gen.host_org_details                   ? 
_entity_src_gen.expression_system_id               ? 
_entity_src_gen.plasmid_name                       ? 
_entity_src_gen.plasmid_details                    ? 
_entity_src_gen.pdbx_description                   ? 
# 
_struct_ref.id                         1 
_struct_ref.db_name                    UNP 
_struct_ref.db_code                    A0A140UHX0_RAT 
_struct_ref.pdbx_db_accession          A0A140UHX0 
_struct_ref.pdbx_db_isoform            ? 
_struct_ref.entity_id                  1 
_struct_ref.pdbx_seq_one_letter_code   MPHRFKVYNYMSPTFCDHCGSLLWGLVKQGLKCEDCGMNVHHKCREKVANLCG 
_struct_ref.pdbx_align_begin           229 
# 
_struct_ref_seq.align_id                      1 
_struct_ref_seq.ref_id                        1 
_struct_ref_seq.pdbx_PDB_id_code              7LCB 
_struct_ref_seq.pdbx_strand_id                A 
_struct_ref_seq.seq_align_beg                 1 
_struct_ref_seq.pdbx_seq_align_beg_ins_code   ? 
_struct_ref_seq.seq_align_end                 53 
_struct_ref_seq.pdbx_seq_align_end_ins_code   ? 
_struct_ref_seq.pdbx_db_accession             A0A140UHX0 
_struct_ref_seq.db_align_beg                  229 
_struct_ref_seq.pdbx_db_align_beg_ins_code    ? 
_struct_ref_seq.db_align_end                  281 
_struct_ref_seq.pdbx_db_align_end_ins_code    ? 
_struct_ref_seq.pdbx_auth_seq_align_beg       229 
_struct_ref_seq.pdbx_auth_seq_align_end       281 
# 
loop_
_chem_comp.id 
_chem_comp.type 
_chem_comp.mon_nstd_flag 
_chem_comp.name 
_chem_comp.pdbx_synonyms 
_chem_comp.formula 
_chem_comp.formula_weight 
ALA 'L-peptide linking' y ALANINE ? 'C3 H7 N O2'       89.093  
ARG 'L-peptide linking' y ARGININE ? 'C6 H15 N4 O2 1'   175.209 
ASN 'L-peptide linking' y ASPARAGINE ? 'C4 H8 N2 O3'      132.118 
ASP 'L-peptide linking' y 'ASPARTIC ACID' ? 'C4 H7 N O4'       133.103 
CYS 'L-peptide linking' y CYSTEINE ? 'C3 H7 N O2 S'     121.158 
GLN 'L-peptide linking' y GLUTAMINE ? 'C5 H10 N2 O3'     146.144 
GLU 'L-peptide linking' y 'GLUTAMIC ACID' ? 'C5 H9 N O4'       147.129 
GLY 'peptide linking'   y GLYCINE ? 'C2 H5 N O2'       75.067  
HIS 'L-peptide linking' y HISTIDINE ? 'C6 H10 N3 O2 1'   156.162 
HOH non-polymer         . WATER ? 'H2 O'             18.015  
LEU 'L-peptide linking' y LEUCINE ? 'C6 H13 N O2'      131.173 
LYS 'L-peptide linking' y LYSINE ? 'C6 H15 N2 O2 1'   147.195 
MET 'L-peptide linking' y METHIONINE ? 'C5 H11 N O2 S'    149.211 
PHE 'L-peptide linking' y PHENYLALANINE ? 'C9 H11 N O2'      165.189 
PRO 'L-peptide linking' y PROLINE ? 'C5 H9 N O2'       115.130 
SER 'L-peptide linking' y SERINE ? 'C3 H7 N O3'       105.093 
THR 'L-peptide linking' y THREONINE ? 'C4 H9 N O3'       119.119 
TRP 'L-peptide linking' y TRYPTOPHAN ? 'C11 H12 N2 O2'    204.225 
TYR 'L-peptide linking' y TYROSINE ? 'C9 H11 N O3'      181.189 
VAL 'L-peptide linking' y VALINE ? 'C5 H11 N O2'      117.146 
XP5 non-polymer         . 
'(4S,7R)-7-(heptanoyloxy)-4-hydroxy-N,N,N-trimethyl-10-oxo-3,5,9-trioxa-4-phosphahexadecan-1-aminium 4-oxide' ? 'C22 H45 N O8 P 1' 
482.568 
XYV non-polymer         . prostratin 
;12-deoxyphorbol-13-acetate; (1aR,1bS,4aR,7aS,7bR,8R,9aS)-4a,7b-dihydroxy-3-(hydroxymethyl)-1,1,6,8-tetramethyl-5-oxo-1,1a,1b,4,4a,5,7a,7b,8,9-decahydro-9aH-cyclopropa[3,4]benzo[1,2-e]azulen-9a-yl acetate
;
'C22 H30 O6'       390.470 
ZN  non-polymer         . 'ZINC ION' ? 'Zn 2'             65.409  
# 
_exptl.absorpt_coefficient_mu     ? 
_exptl.absorpt_correction_T_max   ? 
_exptl.absorpt_correction_T_min   ? 
_exptl.absorpt_correction_type    ? 
_exptl.absorpt_process_details    ? 
_exptl.entry_id                   7LCB 
_exptl.crystals_number            1 
_exptl.details                    ? 
_exptl.method                     'X-RAY DIFFRACTION' 
_exptl.method_details             ? 
# 
_exptl_crystal.colour                      ? 
_exptl_crystal.density_diffrn              ? 
_exptl_crystal.density_Matthews            2.10 
_exptl_crystal.density_method              ? 
_exptl_crystal.density_percent_sol         41.37 
_exptl_crystal.description                 ? 
_exptl_crystal.F_000                       ? 
_exptl_crystal.id                          1 
_exptl_crystal.preparation                 ? 
_exptl_crystal.size_max                    ? 
_exptl_crystal.size_mid                    ? 
_exptl_crystal.size_min                    ? 
_exptl_crystal.size_rad                    ? 
_exptl_crystal.colour_lustre               ? 
_exptl_crystal.colour_modifier             ? 
_exptl_crystal.colour_primary              ? 
_exptl_crystal.density_meas                ? 
_exptl_crystal.density_meas_esd            ? 
_exptl_crystal.density_meas_gt             ? 
_exptl_crystal.density_meas_lt             ? 
_exptl_crystal.density_meas_temp           ? 
_exptl_crystal.density_meas_temp_esd       ? 
_exptl_crystal.density_meas_temp_gt        ? 
_exptl_crystal.density_meas_temp_lt        ? 
_exptl_crystal.pdbx_crystal_image_url      ? 
_exptl_crystal.pdbx_crystal_image_format   ? 
_exptl_crystal.pdbx_mosaicity              ? 
_exptl_crystal.pdbx_mosaicity_esd          ? 
# 
_exptl_crystal_grow.apparatus       ? 
_exptl_crystal_grow.atmosphere      ? 
_exptl_crystal_grow.crystal_id      1 
_exptl_crystal_grow.details         ? 
_exptl_crystal_grow.method          'VAPOR DIFFUSION, HANGING DROP' 
_exptl_crystal_grow.method_ref      ? 
_exptl_crystal_grow.pH              6.5 
_exptl_crystal_grow.pressure        ? 
_exptl_crystal_grow.pressure_esd    ? 
_exptl_crystal_grow.seeding         ? 
_exptl_crystal_grow.seeding_ref     ? 
_exptl_crystal_grow.temp            277.15 
_exptl_crystal_grow.temp_details    ? 
_exptl_crystal_grow.temp_esd        ? 
_exptl_crystal_grow.time            ? 
_exptl_crystal_grow.pdbx_details    
;Screen condition:
0.2 M Ammonium acetate
0.1 M Sodium Phosphate
30% Isopropanol
pH 6.8;

Drop condition:
Protein: 2 mM in MES pH 6.5, 150 mM KCl;
Phosphatidylcholine: 20 mM;
Prostratin: 2.5 mM
;
_exptl_crystal_grow.pdbx_pH_range   ? 
# 
_diffrn.ambient_environment              ? 
_diffrn.ambient_temp                     120 
_diffrn.ambient_temp_details             ? 
_diffrn.ambient_temp_esd                 ? 
_diffrn.crystal_id                       1 
_diffrn.crystal_support                  ? 
_diffrn.crystal_treatment                ? 
_diffrn.details                          ? 
_diffrn.id                               1 
_diffrn.ambient_pressure                 ? 
_diffrn.ambient_pressure_esd             ? 
_diffrn.ambient_pressure_gt              ? 
_diffrn.ambient_pressure_lt              ? 
_diffrn.ambient_temp_gt                  ? 
_diffrn.ambient_temp_lt                  ? 
_diffrn.pdbx_serial_crystal_experiment   N 
# 
_diffrn_detector.details                      ? 
_diffrn_detector.detector                     PIXEL 
_diffrn_detector.diffrn_id                    1 
_diffrn_detector.type                         'Bruker PHOTON II' 
_diffrn_detector.area_resol_mean              ? 
_diffrn_detector.dtime                        ? 
_diffrn_detector.pdbx_frames_total            ? 
_diffrn_detector.pdbx_collection_time_total   ? 
_diffrn_detector.pdbx_collection_date         2020-09-14 
_diffrn_detector.pdbx_frequency               ? 
# 
_diffrn_radiation.collimation                      ? 
_diffrn_radiation.diffrn_id                        1 
_diffrn_radiation.filter_edge                      ? 
_diffrn_radiation.inhomogeneity                    ? 
_diffrn_radiation.monochromator                    ? 
_diffrn_radiation.polarisn_norm                    ? 
_diffrn_radiation.polarisn_ratio                   ? 
_diffrn_radiation.probe                            ? 
_diffrn_radiation.type                             ? 
_diffrn_radiation.xray_symbol                      ? 
_diffrn_radiation.wavelength_id                    1 
_diffrn_radiation.pdbx_monochromatic_or_laue_m_l   M 
_diffrn_radiation.pdbx_wavelength_list             ? 
_diffrn_radiation.pdbx_wavelength                  ? 
_diffrn_radiation.pdbx_diffrn_protocol             'SINGLE WAVELENGTH' 
_diffrn_radiation.pdbx_analyzer                    ? 
_diffrn_radiation.pdbx_scattering_type             x-ray 
# 
_diffrn_radiation_wavelength.id           1 
_diffrn_radiation_wavelength.wavelength   1.54 
_diffrn_radiation_wavelength.wt           1.0 
# 
_diffrn_source.current                     ? 
_diffrn_source.details                     ? 
_diffrn_source.diffrn_id                   1 
_diffrn_source.power                       ? 
_diffrn_source.size                        ? 
_diffrn_source.source                      'ROTATING ANODE' 
_diffrn_source.target                      ? 
_diffrn_source.type                        'RIGAKU MICROMAX-007 HF' 
_diffrn_source.voltage                     ? 
_diffrn_source.take-off_angle              ? 
_diffrn_source.pdbx_wavelength_list        1.54 
_diffrn_source.pdbx_wavelength             ? 
_diffrn_source.pdbx_synchrotron_beamline   ? 
_diffrn_source.pdbx_synchrotron_site       ? 
# 
_reflns.B_iso_Wilson_estimate            ? 
_reflns.entry_id                         7LCB 
_reflns.data_reduction_details           ? 
_reflns.data_reduction_method            ? 
_reflns.d_resolution_high                1.7 
_reflns.d_resolution_low                 44.6 
_reflns.details                          ? 
_reflns.limit_h_max                      ? 
_reflns.limit_h_min                      ? 
_reflns.limit_k_max                      ? 
_reflns.limit_k_min                      ? 
_reflns.limit_l_max                      ? 
_reflns.limit_l_min                      ? 
_reflns.number_all                       ? 
_reflns.number_obs                       5115 
_reflns.observed_criterion               ? 
_reflns.observed_criterion_F_max         ? 
_reflns.observed_criterion_F_min         ? 
_reflns.observed_criterion_I_max         ? 
_reflns.observed_criterion_I_min         ? 
_reflns.observed_criterion_sigma_F       ? 
_reflns.observed_criterion_sigma_I       ? 
_reflns.percent_possible_obs             89.1 
_reflns.R_free_details                   ? 
_reflns.Rmerge_F_all                     ? 
_reflns.Rmerge_F_obs                     ? 
_reflns.Friedel_coverage                 ? 
_reflns.number_gt                        ? 
_reflns.threshold_expression             ? 
_reflns.pdbx_redundancy                  3.85 
_reflns.pdbx_Rmerge_I_obs                0.0558 
_reflns.pdbx_Rmerge_I_all                ? 
_reflns.pdbx_Rsym_value                  ? 
_reflns.pdbx_netI_over_av_sigmaI         ? 
_reflns.pdbx_netI_over_sigmaI            15.48 
_reflns.pdbx_res_netI_over_av_sigmaI_2   ? 
_reflns.pdbx_res_netI_over_sigmaI_2      ? 
_reflns.pdbx_chi_squared                 ? 
_reflns.pdbx_scaling_rejects             ? 
_reflns.pdbx_d_res_high_opt              ? 
_reflns.pdbx_d_res_low_opt               ? 
_reflns.pdbx_d_res_opt_method            ? 
_reflns.phase_calculation_details        ? 
_reflns.pdbx_Rrim_I_all                  ? 
_reflns.pdbx_Rpim_I_all                  ? 
_reflns.pdbx_d_opt                       ? 
_reflns.pdbx_number_measured_all         ? 
_reflns.pdbx_diffrn_id                   1 
_reflns.pdbx_ordinal                     1 
_reflns.pdbx_CC_half                     ? 
_reflns.pdbx_CC_star                     ? 
_reflns.pdbx_R_split                     ? 
# 
_reflns_shell.d_res_high                  1.7 
_reflns_shell.d_res_low                   1.8 
_reflns_shell.meanI_over_sigI_all         ? 
_reflns_shell.meanI_over_sigI_obs         3.00 
_reflns_shell.number_measured_all         ? 
_reflns_shell.number_measured_obs         ? 
_reflns_shell.number_possible             ? 
_reflns_shell.number_unique_all           ? 
_reflns_shell.number_unique_obs           441 
_reflns_shell.percent_possible_all        48.4 
_reflns_shell.percent_possible_obs        ? 
_reflns_shell.Rmerge_F_all                ? 
_reflns_shell.Rmerge_F_obs                ? 
_reflns_shell.Rmerge_I_all                ? 
_reflns_shell.Rmerge_I_obs                0.2636 
_reflns_shell.meanI_over_sigI_gt          ? 
_reflns_shell.meanI_over_uI_all           ? 
_reflns_shell.meanI_over_uI_gt            ? 
_reflns_shell.number_measured_gt          ? 
_reflns_shell.number_unique_gt            ? 
_reflns_shell.percent_possible_gt         ? 
_reflns_shell.Rmerge_F_gt                 ? 
_reflns_shell.Rmerge_I_gt                 ? 
_reflns_shell.pdbx_redundancy             ? 
_reflns_shell.pdbx_Rsym_value             ? 
_reflns_shell.pdbx_chi_squared            ? 
_reflns_shell.pdbx_netI_over_sigmaI_all   ? 
_reflns_shell.pdbx_netI_over_sigmaI_obs   ? 
_reflns_shell.pdbx_Rrim_I_all             ? 
_reflns_shell.pdbx_Rpim_I_all             ? 
_reflns_shell.pdbx_rejects                ? 
_reflns_shell.pdbx_ordinal                1 
_reflns_shell.pdbx_diffrn_id              1 
_reflns_shell.pdbx_CC_half                ? 
_reflns_shell.pdbx_CC_star                ? 
_reflns_shell.pdbx_R_split                ? 
# 
_refine.aniso_B[1][1]                            ? 
_refine.aniso_B[1][2]                            ? 
_refine.aniso_B[1][3]                            ? 
_refine.aniso_B[2][2]                            ? 
_refine.aniso_B[2][3]                            ? 
_refine.aniso_B[3][3]                            ? 
_refine.B_iso_max                                52.920 
_refine.B_iso_mean                               17.4806 
_refine.B_iso_min                                4.920 
_refine.correlation_coeff_Fo_to_Fc               ? 
_refine.correlation_coeff_Fo_to_Fc_free          ? 
_refine.details                                  ? 
_refine.diff_density_max                         ? 
_refine.diff_density_max_esd                     ? 
_refine.diff_density_min                         ? 
_refine.diff_density_min_esd                     ? 
_refine.diff_density_rms                         ? 
_refine.diff_density_rms_esd                     ? 
_refine.entry_id                                 7LCB 
_refine.pdbx_refine_id                           'X-RAY DIFFRACTION' 
_refine.ls_abs_structure_details                 ? 
_refine.ls_abs_structure_Flack                   ? 
_refine.ls_abs_structure_Flack_esd               ? 
_refine.ls_abs_structure_Rogers                  ? 
_refine.ls_abs_structure_Rogers_esd              ? 
_refine.ls_d_res_high                            1.7000 
_refine.ls_d_res_low                             28.7500 
_refine.ls_extinction_coef                       ? 
_refine.ls_extinction_coef_esd                   ? 
_refine.ls_extinction_expression                 ? 
_refine.ls_extinction_method                     ? 
_refine.ls_goodness_of_fit_all                   ? 
_refine.ls_goodness_of_fit_all_esd               ? 
_refine.ls_goodness_of_fit_obs                   ? 
_refine.ls_goodness_of_fit_obs_esd               ? 
_refine.ls_hydrogen_treatment                    ? 
_refine.ls_matrix_type                           ? 
_refine.ls_number_constraints                    ? 
_refine.ls_number_parameters                     ? 
_refine.ls_number_reflns_all                     ? 
_refine.ls_number_reflns_obs                     5113 
_refine.ls_number_reflns_R_free                  243 
_refine.ls_number_reflns_R_work                  4870 
_refine.ls_number_restraints                     ? 
_refine.ls_percent_reflns_obs                    89.1200 
_refine.ls_percent_reflns_R_free                 4.7500 
_refine.ls_R_factor_all                          ? 
_refine.ls_R_factor_obs                          0.1740 
_refine.ls_R_factor_R_free                       0.2136 
_refine.ls_R_factor_R_free_error                 ? 
_refine.ls_R_factor_R_free_error_details         ? 
_refine.ls_R_factor_R_work                       0.1719 
_refine.ls_R_Fsqd_factor_obs                     ? 
_refine.ls_R_I_factor_obs                        ? 
_refine.ls_redundancy_reflns_all                 ? 
_refine.ls_redundancy_reflns_obs                 ? 
_refine.ls_restrained_S_all                      ? 
_refine.ls_restrained_S_obs                      ? 
_refine.ls_shift_over_esd_max                    ? 
_refine.ls_shift_over_esd_mean                   ? 
_refine.ls_structure_factor_coef                 ? 
_refine.ls_weighting_details                     ? 
_refine.ls_weighting_scheme                      ? 
_refine.ls_wR_factor_all                         ? 
_refine.ls_wR_factor_obs                         ? 
_refine.ls_wR_factor_R_free                      ? 
_refine.ls_wR_factor_R_work                      ? 
_refine.occupancy_max                            ? 
_refine.occupancy_min                            ? 
_refine.solvent_model_details                    'FLAT BULK SOLVENT MODEL' 
_refine.solvent_model_param_bsol                 ? 
_refine.solvent_model_param_ksol                 ? 
_refine.pdbx_R_complete                          ? 
_refine.ls_R_factor_gt                           ? 
_refine.ls_goodness_of_fit_gt                    ? 
_refine.ls_goodness_of_fit_ref                   ? 
_refine.ls_shift_over_su_max                     ? 
_refine.ls_shift_over_su_max_lt                  ? 
_refine.ls_shift_over_su_mean                    ? 
_refine.ls_shift_over_su_mean_lt                 ? 
_refine.pdbx_ls_sigma_I                          ? 
_refine.pdbx_ls_sigma_F                          1.360 
_refine.pdbx_ls_sigma_Fsqd                       ? 
_refine.pdbx_data_cutoff_high_absF               ? 
_refine.pdbx_data_cutoff_high_rms_absF           ? 
_refine.pdbx_data_cutoff_low_absF                ? 
_refine.pdbx_isotropic_thermal_model             ? 
_refine.pdbx_ls_cross_valid_method               THROUGHOUT 
_refine.pdbx_method_to_determine_struct          'MOLECULAR REPLACEMENT' 
_refine.pdbx_starting_model                      1ptq 
_refine.pdbx_stereochemistry_target_values       ML 
_refine.pdbx_R_Free_selection_details            ? 
_refine.pdbx_stereochem_target_val_spec_case     ? 
_refine.pdbx_overall_ESU_R                       ? 
_refine.pdbx_overall_ESU_R_Free                  ? 
_refine.pdbx_solvent_vdw_probe_radii             1.1100 
_refine.pdbx_solvent_ion_probe_radii             ? 
_refine.pdbx_solvent_shrinkage_radii             0.9000 
_refine.pdbx_real_space_R                        ? 
_refine.pdbx_density_correlation                 ? 
_refine.pdbx_pd_number_of_powder_patterns        ? 
_refine.pdbx_pd_number_of_points                 ? 
_refine.pdbx_pd_meas_number_of_points            ? 
_refine.pdbx_pd_proc_ls_prof_R_factor            ? 
_refine.pdbx_pd_proc_ls_prof_wR_factor           ? 
_refine.pdbx_pd_Marquardt_correlation_coeff      ? 
_refine.pdbx_pd_Fsqrd_R_factor                   ? 
_refine.pdbx_pd_ls_matrix_band_width             ? 
_refine.pdbx_overall_phase_error                 15.3800 
_refine.pdbx_overall_SU_R_free_Cruickshank_DPI   ? 
_refine.pdbx_overall_SU_R_free_Blow_DPI          ? 
_refine.pdbx_overall_SU_R_Blow_DPI               ? 
_refine.pdbx_TLS_residual_ADP_flag               ? 
_refine.pdbx_diffrn_id                           1 
_refine.overall_SU_B                             ? 
_refine.overall_SU_ML                            0.1900 
_refine.overall_SU_R_Cruickshank_DPI             ? 
_refine.overall_SU_R_free                        ? 
_refine.overall_FOM_free_R_set                   ? 
_refine.overall_FOM_work_R_set                   ? 
_refine.pdbx_average_fsc_overall                 ? 
_refine.pdbx_average_fsc_work                    ? 
_refine.pdbx_average_fsc_free                    ? 
# 
_refine_hist.pdbx_refine_id                   'X-RAY DIFFRACTION' 
_refine_hist.cycle_id                         final 
_refine_hist.details                          ? 
_refine_hist.d_res_high                       1.7000 
_refine_hist.d_res_low                        28.7500 
_refine_hist.number_atoms_solvent             38 
_refine_hist.number_atoms_total               517 
_refine_hist.number_reflns_all                ? 
_refine_hist.number_reflns_obs                ? 
_refine_hist.number_reflns_R_free             ? 
_refine_hist.number_reflns_R_work             ? 
_refine_hist.R_factor_all                     ? 
_refine_hist.R_factor_obs                     ? 
_refine_hist.R_factor_R_free                  ? 
_refine_hist.R_factor_R_work                  ? 
_refine_hist.pdbx_number_residues_total       52 
_refine_hist.pdbx_B_iso_mean_ligand           28.81 
_refine_hist.pdbx_B_iso_mean_solvent          23.07 
_refine_hist.pdbx_number_atoms_protein        417 
_refine_hist.pdbx_number_atoms_nucleic_acid   0 
_refine_hist.pdbx_number_atoms_ligand         62 
_refine_hist.pdbx_number_atoms_lipid          ? 
_refine_hist.pdbx_number_atoms_carb           ? 
_refine_hist.pdbx_pseudo_atom_details         ? 
# 
loop_
_refine_ls_restr.type 
_refine_ls_restr.dev_ideal 
_refine_ls_restr.dev_ideal_target 
_refine_ls_restr.weight 
_refine_ls_restr.number 
_refine_ls_restr.pdbx_refine_id 
_refine_ls_restr.pdbx_restraint_function 
f_bond_d           0.009  ? ? 506 'X-RAY DIFFRACTION' ? 
f_angle_d          1.445  ? ? 690 'X-RAY DIFFRACTION' ? 
f_dihedral_angle_d 44.539 ? ? 85  'X-RAY DIFFRACTION' ? 
f_chiral_restr     0.089  ? ? 68  'X-RAY DIFFRACTION' ? 
f_plane_restr      0.007  ? ? 80  'X-RAY DIFFRACTION' ? 
# 
loop_
_refine_ls_shell.pdbx_refine_id 
_refine_ls_shell.d_res_high 
_refine_ls_shell.d_res_low 
_refine_ls_shell.number_reflns_all 
_refine_ls_shell.number_reflns_obs 
_refine_ls_shell.number_reflns_R_free 
_refine_ls_shell.number_reflns_R_work 
_refine_ls_shell.percent_reflns_obs 
_refine_ls_shell.percent_reflns_R_free 
_refine_ls_shell.R_factor_all 
_refine_ls_shell.R_factor_obs 
_refine_ls_shell.R_factor_R_free 
_refine_ls_shell.R_factor_R_free_error 
_refine_ls_shell.R_factor_R_work 
_refine_ls_shell.redundancy_reflns_all 
_refine_ls_shell.redundancy_reflns_obs 
_refine_ls_shell.wR_factor_all 
_refine_ls_shell.wR_factor_obs 
_refine_ls_shell.wR_factor_R_free 
_refine_ls_shell.wR_factor_R_work 
_refine_ls_shell.pdbx_R_complete 
_refine_ls_shell.pdbx_total_number_of_bins_used 
_refine_ls_shell.pdbx_phase_error 
_refine_ls_shell.pdbx_fsc_work 
_refine_ls_shell.pdbx_fsc_free 
'X-RAY DIFFRACTION' 1.7000 2.1400  2235 . 101 2134 78.0000  . . . 0.2935 0.0000 0.1955 . . . . . . . 2 . . . 
'X-RAY DIFFRACTION' 2.1400 28.7500 2878 . 142 2736 100.0000 . . . 0.1885 0.0000 0.1634 . . . . . . . 2 . . . 
# 
_struct.entry_id                     7LCB 
_struct.title                        'C1B domain of Protein kinase C in complex with prostratin and phosphatidylcholine' 
_struct.pdbx_model_details           ? 
_struct.pdbx_formula_weight          ? 
_struct.pdbx_formula_weight_method   ? 
_struct.pdbx_model_type_details      ? 
_struct.pdbx_CASP_flag               N 
# 
_struct_keywords.entry_id        7LCB 
_struct_keywords.text            'C1, lipid-binding, diacylglycerol-binding, Zn2+ finger, LIPID BINDING PROTEIN' 
_struct_keywords.pdbx_keywords   'LIPID BINDING PROTEIN' 
# 
loop_
_struct_asym.id 
_struct_asym.pdbx_blank_PDB_chainid_flag 
_struct_asym.pdbx_modified 
_struct_asym.entity_id 
_struct_asym.details 
A N N 1 ? 
B N N 2 ? 
C N N 2 ? 
D N N 3 ? 
E N N 4 ? 
F N N 5 ? 
# 
_struct_conf.conf_type_id            HELX_P 
_struct_conf.id                      HELX_P1 
_struct_conf.pdbx_PDB_helix_id       AA1 
_struct_conf.beg_label_comp_id       CYS 
_struct_conf.beg_label_asym_id       A 
_struct_conf.beg_label_seq_id        44 
_struct_conf.pdbx_beg_PDB_ins_code   ? 
_struct_conf.end_label_comp_id       VAL 
_struct_conf.end_label_asym_id       A 
_struct_conf.end_label_seq_id        48 
_struct_conf.pdbx_end_PDB_ins_code   ? 
_struct_conf.beg_auth_comp_id        CYS 
_struct_conf.beg_auth_asym_id        A 
_struct_conf.beg_auth_seq_id         272 
_struct_conf.end_auth_comp_id        VAL 
_struct_conf.end_auth_asym_id        A 
_struct_conf.end_auth_seq_id         276 
_struct_conf.pdbx_PDB_helix_class    5 
_struct_conf.details                 ? 
_struct_conf.pdbx_PDB_helix_length   5 
# 
_struct_conf_type.id          HELX_P 
_struct_conf_type.criteria    ? 
_struct_conf_type.reference   ? 
# 
loop_
_struct_conn.id 
_struct_conn.conn_type_id 
_struct_conn.pdbx_leaving_atom_flag 
_struct_conn.pdbx_PDB_id 
_struct_conn.ptnr1_label_asym_id 
_struct_conn.ptnr1_label_comp_id 
_struct_conn.ptnr1_label_seq_id 
_struct_conn.ptnr1_label_atom_id 
_struct_conn.pdbx_ptnr1_label_alt_id 
_struct_conn.pdbx_ptnr1_PDB_ins_code 
_struct_conn.pdbx_ptnr1_standard_comp_id 
_struct_conn.ptnr1_symmetry 
_struct_conn.ptnr2_label_asym_id 
_struct_conn.ptnr2_label_comp_id 
_struct_conn.ptnr2_label_seq_id 
_struct_conn.ptnr2_label_atom_id 
_struct_conn.pdbx_ptnr2_label_alt_id 
_struct_conn.pdbx_ptnr2_PDB_ins_code 
_struct_conn.ptnr1_auth_asym_id 
_struct_conn.ptnr1_auth_comp_id 
_struct_conn.ptnr1_auth_seq_id 
_struct_conn.ptnr2_auth_asym_id 
_struct_conn.ptnr2_auth_comp_id 
_struct_conn.ptnr2_auth_seq_id 
_struct_conn.ptnr2_symmetry 
_struct_conn.pdbx_ptnr3_label_atom_id 
_struct_conn.pdbx_ptnr3_label_seq_id 
_struct_conn.pdbx_ptnr3_label_comp_id 
_struct_conn.pdbx_ptnr3_label_asym_id 
_struct_conn.pdbx_ptnr3_label_alt_id 
_struct_conn.pdbx_ptnr3_PDB_ins_code 
_struct_conn.details 
_struct_conn.pdbx_dist_value 
_struct_conn.pdbx_value_order 
_struct_conn.pdbx_role 
metalc1 metalc ? ? A HIS 3  ND1 ? ? ? 1_555 B ZN . ZN ? ? A HIS 231 A ZN 301 1_555 ? ? ? ? ? ? ? 2.074 ? ? 
metalc2 metalc ? ? A CYS 16 SG  ? ? ? 1_555 C ZN . ZN ? ? A CYS 244 A ZN 302 1_555 ? ? ? ? ? ? ? 2.370 ? ? 
metalc3 metalc ? ? A CYS 19 SG  ? ? ? 1_555 C ZN . ZN ? ? A CYS 247 A ZN 302 1_555 ? ? ? ? ? ? ? 2.319 ? ? 
metalc4 metalc ? ? A CYS 33 SG  ? ? ? 1_555 B ZN . ZN ? ? A CYS 261 A ZN 301 1_555 ? ? ? ? ? ? ? 2.322 ? ? 
metalc5 metalc ? ? A CYS 36 SG  ? ? ? 1_555 B ZN . ZN ? ? A CYS 264 A ZN 301 1_555 ? ? ? ? ? ? ? 2.340 ? ? 
metalc6 metalc ? ? A HIS 41 ND1 ? ? ? 1_555 C ZN . ZN ? ? A HIS 269 A ZN 302 1_555 ? ? ? ? ? ? ? 2.124 ? ? 
metalc7 metalc ? ? A CYS 44 SG  ? ? ? 1_555 C ZN . ZN ? ? A CYS 272 A ZN 302 1_555 ? ? ? ? ? ? ? 2.292 ? ? 
metalc8 metalc ? ? A CYS 52 SG  ? ? ? 1_555 B ZN . ZN ? ? A CYS 280 A ZN 301 1_555 ? ? ? ? ? ? ? 2.307 ? ? 
# 
_struct_conn_type.id          metalc 
_struct_conn_type.criteria    ? 
_struct_conn_type.reference   ? 
# 
_struct_sheet.id               AA1 
_struct_sheet.type             ? 
_struct_sheet.number_strands   3 
_struct_sheet.details          ? 
# 
loop_
_struct_sheet_order.sheet_id 
_struct_sheet_order.range_id_1 
_struct_sheet_order.range_id_2 
_struct_sheet_order.offset 
_struct_sheet_order.sense 
AA1 1 2 ? anti-parallel 
AA1 2 3 ? anti-parallel 
# 
loop_
_struct_sheet_range.sheet_id 
_struct_sheet_range.id 
_struct_sheet_range.beg_label_comp_id 
_struct_sheet_range.beg_label_asym_id 
_struct_sheet_range.beg_label_seq_id 
_struct_sheet_range.pdbx_beg_PDB_ins_code 
_struct_sheet_range.end_label_comp_id 
_struct_sheet_range.end_label_asym_id 
_struct_sheet_range.end_label_seq_id 
_struct_sheet_range.pdbx_end_PDB_ins_code 
_struct_sheet_range.beg_auth_comp_id 
_struct_sheet_range.beg_auth_asym_id 
_struct_sheet_range.beg_auth_seq_id 
_struct_sheet_range.end_auth_comp_id 
_struct_sheet_range.end_auth_asym_id 
_struct_sheet_range.end_auth_seq_id 
AA1 1 PHE A 5  ? TYR A 8  ? PHE A 233 TYR A 236 
AA1 2 GLY A 30 ? CYS A 33 ? GLY A 258 CYS A 261 
AA1 3 ASN A 39 ? VAL A 40 ? ASN A 267 VAL A 268 
# 
loop_
_pdbx_struct_sheet_hbond.sheet_id 
_pdbx_struct_sheet_hbond.range_id_1 
_pdbx_struct_sheet_hbond.range_id_2 
_pdbx_struct_sheet_hbond.range_1_label_atom_id 
_pdbx_struct_sheet_hbond.range_1_label_comp_id 
_pdbx_struct_sheet_hbond.range_1_label_asym_id 
_pdbx_struct_sheet_hbond.range_1_label_seq_id 
_pdbx_struct_sheet_hbond.range_1_PDB_ins_code 
_pdbx_struct_sheet_hbond.range_1_auth_atom_id 
_pdbx_struct_sheet_hbond.range_1_auth_comp_id 
_pdbx_struct_sheet_hbond.range_1_auth_asym_id 
_pdbx_struct_sheet_hbond.range_1_auth_seq_id 
_pdbx_struct_sheet_hbond.range_2_label_atom_id 
_pdbx_struct_sheet_hbond.range_2_label_comp_id 
_pdbx_struct_sheet_hbond.range_2_label_asym_id 
_pdbx_struct_sheet_hbond.range_2_label_seq_id 
_pdbx_struct_sheet_hbond.range_2_PDB_ins_code 
_pdbx_struct_sheet_hbond.range_2_auth_atom_id 
_pdbx_struct_sheet_hbond.range_2_auth_comp_id 
_pdbx_struct_sheet_hbond.range_2_auth_asym_id 
_pdbx_struct_sheet_hbond.range_2_auth_seq_id 
AA1 1 2 N TYR A 8  ? N TYR A 236 O GLY A 30 ? O GLY A 258 
AA1 2 3 N LEU A 31 ? N LEU A 259 O VAL A 40 ? O VAL A 268 
# 
_atom_sites.entry_id                    7LCB 
_atom_sites.Cartn_transf_matrix[1][1]   ? 
_atom_sites.Cartn_transf_matrix[1][2]   ? 
_atom_sites.Cartn_transf_matrix[1][3]   ? 
_atom_sites.Cartn_transf_matrix[2][1]   ? 
_atom_sites.Cartn_transf_matrix[2][2]   ? 
_atom_sites.Cartn_transf_matrix[2][3]   ? 
_atom_sites.Cartn_transf_matrix[3][1]   ? 
_atom_sites.Cartn_transf_matrix[3][2]   ? 
_atom_sites.Cartn_transf_matrix[3][3]   ? 
_atom_sites.Cartn_transf_vector[1]      ? 
_atom_sites.Cartn_transf_vector[2]      ? 
_atom_sites.Cartn_transf_vector[3]      ? 
_atom_sites.fract_transf_matrix[1][1]   0.01654323 
_atom_sites.fract_transf_matrix[1][2]   0.02360025 
_atom_sites.fract_transf_matrix[1][3]   0.00530228 
_atom_sites.fract_transf_matrix[2][1]   -0.02838987 
_atom_sites.fract_transf_matrix[2][2]   0.02281197 
_atom_sites.fract_transf_matrix[2][3]   -0.01295821 
_atom_sites.fract_transf_matrix[3][1]   -0.00525432 
_atom_sites.fract_transf_matrix[3][2]   0.00274896 
_atom_sites.fract_transf_matrix[3][3]   0.01635090 
_atom_sites.fract_transf_vector[1]      0.029211 
_atom_sites.fract_transf_vector[2]      0.004090 
_atom_sites.fract_transf_vector[3]      0.282861 
_atom_sites.solution_primary            ? 
_atom_sites.solution_secondary          ? 
_atom_sites.solution_hydrogens          ? 
_atom_sites.special_details             ? 
# 
loop_
_atom_type.symbol 
C  
N  
O  
P  
S  
ZN 
# 
loop_
_atom_site.group_PDB 
_atom_site.id 
_atom_site.type_symbol 
_atom_site.label_atom_id 
_atom_site.label_alt_id 
_atom_site.label_comp_id 
_atom_site.label_asym_id 
_atom_site.label_entity_id 
_atom_site.label_seq_id 
_atom_site.pdbx_PDB_ins_code 
_atom_site.Cartn_x 
_atom_site.Cartn_y 
_atom_site.Cartn_z 
_atom_site.occupancy 
_atom_site.B_iso_or_equiv 
_atom_site.pdbx_formal_charge 
_atom_site.auth_seq_id 
_atom_site.auth_comp_id 
_atom_site.auth_asym_id 
_atom_site.auth_atom_id 
_atom_site.pdbx_PDB_model_num 
ATOM   1   N  N   . MET A 1 1  ? -5.588  10.006  12.766  1.00 21.55 ?  229 MET A N   1 
ATOM   2   C  CA  . MET A 1 1  ? -6.352  8.787   12.519  1.00 18.80 ?  229 MET A CA  1 
ATOM   3   C  C   . MET A 1 1  ? -5.535  7.767   11.760  1.00 17.36 ?  229 MET A C   1 
ATOM   4   O  O   . MET A 1 1  ? -4.747  8.154   10.900  1.00 17.44 ?  229 MET A O   1 
ATOM   5   C  CB  . MET A 1 1  ? -7.612  9.061   11.719  1.00 20.07 ?  229 MET A CB  1 
ATOM   6   C  CG  . MET A 1 1  ? -8.700  9.615   12.516  1.00 27.29 ?  229 MET A CG  1 
ATOM   7   S  SD  . MET A 1 1  ? -9.601  8.268   13.247  1.00 20.73 ?  229 MET A SD  1 
ATOM   8   C  CE  . MET A 1 1  ? -8.993  8.561   14.933  1.00 19.93 ?  229 MET A CE  1 
ATOM   9   N  N   . PRO A 1 2  ? -5.729  6.488   12.069  1.00 15.32 ?  230 PRO A N   1 
ATOM   10  C  CA  . PRO A 1 2  ? -5.071  5.432   11.288  1.00 16.21 ?  230 PRO A CA  1 
ATOM   11  C  C   . PRO A 1 2  ? -5.564  5.400   9.847   1.00 16.87 ?  230 PRO A C   1 
ATOM   12  O  O   . PRO A 1 2  ? -6.693  5.792   9.526   1.00 11.41 ?  230 PRO A O   1 
ATOM   13  C  CB  . PRO A 1 2  ? -5.488  4.153   12.020  1.00 14.08 ?  230 PRO A CB  1 
ATOM   14  C  CG  . PRO A 1 2  ? -5.781  4.598   13.415  1.00 26.83 ?  230 PRO A CG  1 
ATOM   15  C  CD  . PRO A 1 2  ? -6.365  5.971   13.302  1.00 18.52 ?  230 PRO A CD  1 
ATOM   16  N  N   . HIS A 1 3  ? -4.694  4.880   8.980   1.00 11.50 ?  231 HIS A N   1 
ATOM   17  C  CA  . HIS A 1 3  ? -5.064  4.498   7.621   1.00 12.95 ?  231 HIS A CA  1 
ATOM   18  C  C   . HIS A 1 3  ? -6.073  3.349   7.659   1.00 12.04 ?  231 HIS A C   1 
ATOM   19  O  O   . HIS A 1 3  ? -6.230  2.681   8.677   1.00 11.31 ?  231 HIS A O   1 
ATOM   20  C  CB  . HIS A 1 3  ? -3.833  4.046   6.839   1.00 9.69  ?  231 HIS A CB  1 
ATOM   21  C  CG  . HIS A 1 3  ? -2.795  5.109   6.648   1.00 8.97  ?  231 HIS A CG  1 
ATOM   22  N  ND1 . HIS A 1 3  ? -2.956  6.163   5.773   1.00 9.91  ?  231 HIS A ND1 1 
ATOM   23  C  CD2 . HIS A 1 3  ? -1.554  5.242   7.177   1.00 17.99 ?  231 HIS A CD2 1 
ATOM   24  C  CE1 . HIS A 1 3  ? -1.861  6.908   5.784   1.00 13.40 ?  231 HIS A CE1 1 
ATOM   25  N  NE2 . HIS A 1 3  ? -0.996  6.368   6.627   1.00 14.80 ?  231 HIS A NE2 1 
ATOM   26  N  N   . ARG A 1 4  ? -6.773  3.110   6.541   1.00 7.67  ?  232 ARG A N   1 
ATOM   27  C  CA  . ARG A 1 4  ? -7.639  1.919   6.433   1.00 6.20  ?  232 ARG A CA  1 
ATOM   28  C  C   . ARG A 1 4  ? -7.258  1.151   5.171   1.00 5.18  ?  232 ARG A C   1 
ATOM   29  O  O   . ARG A 1 4  ? -7.887  1.338   4.135   1.00 9.96  ?  232 ARG A O   1 
ATOM   30  C  CB  . ARG A 1 4  ? -9.139  2.321   6.437   1.00 9.78  ?  232 ARG A CB  1 
ATOM   31  C  CG  . ARG A 1 4  ? -9.604  2.687   7.849   1.00 9.32  ?  232 ARG A CG  1 
ATOM   32  C  CD  . ARG A 1 4  ? -11.093 2.923   7.926   1.00 15.10 ?  232 ARG A CD  1 
ATOM   33  N  NE  . ARG A 1 4  ? -11.514 4.008   7.053   1.00 10.68 ?  232 ARG A NE  1 
ATOM   34  C  CZ  . ARG A 1 4  ? -12.785 4.281   6.775   1.00 25.54 ?  232 ARG A CZ  1 
ATOM   35  N  NH1 . ARG A 1 4  ? -13.754 3.529   7.292   1.00 20.07 ?  232 ARG A NH1 1 
ATOM   36  N  NH2 . ARG A 1 4  ? -13.087 5.293   5.963   1.00 26.19 ?  232 ARG A NH2 1 
ATOM   37  N  N   . PHE A 1 5  ? -6.276  0.252   5.290   1.00 10.67 ?  233 PHE A N   1 
ATOM   38  C  CA  . PHE A 1 5  ? -5.716  -0.440  4.127   1.00 8.07  ?  233 PHE A CA  1 
ATOM   39  C  C   . PHE A 1 5  ? -6.591  -1.611  3.699   1.00 7.73  ?  233 PHE A C   1 
ATOM   40  O  O   . PHE A 1 5  ? -7.163  -2.322  4.534   1.00 9.20  ?  233 PHE A O   1 
ATOM   41  C  CB  . PHE A 1 5  ? -4.288  -0.916  4.438   1.00 4.92  ?  233 PHE A CB  1 
ATOM   42  C  CG  . PHE A 1 5  ? -3.269  0.190   4.359   1.00 12.56 ?  233 PHE A CG  1 
ATOM   43  C  CD1 . PHE A 1 5  ? -2.967  0.779   3.138   1.00 8.29  ?  233 PHE A CD1 1 
ATOM   44  C  CD2 . PHE A 1 5  ? -2.648  0.667   5.511   1.00 12.86 ?  233 PHE A CD2 1 
ATOM   45  C  CE1 . PHE A 1 5  ? -2.041  1.803   3.049   1.00 6.10  ?  233 PHE A CE1 1 
ATOM   46  C  CE2 . PHE A 1 5  ? -1.725  1.696   5.443   1.00 10.64 ?  233 PHE A CE2 1 
ATOM   47  C  CZ  . PHE A 1 5  ? -1.430  2.278   4.231   1.00 10.73 ?  233 PHE A CZ  1 
ATOM   48  N  N   . LYS A 1 6  ? -6.722  -1.795  2.383   1.00 9.03  ?  234 LYS A N   1 
ATOM   49  C  CA  . LYS A 1 6  ? -7.391  -2.969  1.819   1.00 7.30  ?  234 LYS A CA  1 
ATOM   50  C  C   . LYS A 1 6  ? -6.511  -3.595  0.746   1.00 11.21 ?  234 LYS A C   1 
ATOM   51  O  O   . LYS A 1 6  ? -5.796  -2.889  0.033   1.00 11.21 ?  234 LYS A O   1 
ATOM   52  C  CB  . LYS A 1 6  ? -8.758  -2.593  1.226   1.00 11.43 ?  234 LYS A CB  1 
ATOM   53  C  CG  . LYS A 1 6  ? -8.622  -1.547  0.137   1.00 13.86 ?  234 LYS A CG  1 
ATOM   54  C  CD  . LYS A 1 6  ? -9.947  -1.050  -0.384  1.00 17.64 ?  234 LYS A CD  1 
ATOM   55  C  CE  . LYS A 1 6  ? -9.699  0.092   -1.355  1.00 10.09 ?  234 LYS A CE  1 
ATOM   56  N  NZ  . LYS A 1 6  ? -10.989 0.613   -1.888  1.00 16.31 ?  234 LYS A NZ  1 
ATOM   57  N  N   . VAL A 1 7  ? -6.555  -4.931  0.631   1.00 12.10 ?  235 VAL A N   1 
ATOM   58  C  CA  . VAL A 1 7  ? -5.878  -5.590  -0.489  1.00 11.97 ?  235 VAL A CA  1 
ATOM   59  C  C   . VAL A 1 7  ? -6.398  -5.026  -1.794  1.00 16.20 ?  235 VAL A C   1 
ATOM   60  O  O   . VAL A 1 7  ? -7.606  -4.807  -1.957  1.00 13.37 ?  235 VAL A O   1 
ATOM   61  C  CB  . VAL A 1 7  ? -6.056  -7.116  -0.454  1.00 15.35 ?  235 VAL A CB  1 
ATOM   62  C  CG1 . VAL A 1 7  ? -5.174  -7.782  -1.538  1.00 17.81 ?  235 VAL A CG1 1 
ATOM   63  C  CG2 . VAL A 1 7  ? -5.666  -7.646  0.913   1.00 19.64 ?  235 VAL A CG2 1 
ATOM   64  N  N   . TYR A 1 8  ? -5.489  -4.782  -2.742  1.00 8.12  ?  236 TYR A N   1 
ATOM   65  C  CA  . TYR A 1 8  ? -5.881  -4.076  -3.953  1.00 7.90  ?  236 TYR A CA  1 
ATOM   66  C  C   . TYR A 1 8  ? -5.142  -4.636  -5.159  1.00 7.93  ?  236 TYR A C   1 
ATOM   67  O  O   . TYR A 1 8  ? -4.031  -5.145  -5.051  1.00 7.89  ?  236 TYR A O   1 
ATOM   68  C  CB  . TYR A 1 8  ? -5.641  -2.567  -3.824  1.00 8.11  ?  236 TYR A CB  1 
ATOM   69  C  CG  . TYR A 1 8  ? -6.411  -1.742  -4.837  1.00 10.31 ?  236 TYR A CG  1 
ATOM   70  C  CD1 . TYR A 1 8  ? -7.759  -1.427  -4.638  1.00 13.73 ?  236 TYR A CD1 1 
ATOM   71  C  CD2 . TYR A 1 8  ? -5.783  -1.253  -5.975  1.00 11.07 ?  236 TYR A CD2 1 
ATOM   72  C  CE1 . TYR A 1 8  ? -8.453  -0.674  -5.568  1.00 13.27 ?  236 TYR A CE1 1 
ATOM   73  C  CE2 . TYR A 1 8  ? -6.463  -0.510  -6.909  1.00 16.91 ?  236 TYR A CE2 1 
ATOM   74  C  CZ  . TYR A 1 8  ? -7.796  -0.214  -6.697  1.00 21.88 ?  236 TYR A CZ  1 
ATOM   75  O  OH  . TYR A 1 8  ? -8.447  0.547   -7.627  1.00 17.29 ?  236 TYR A OH  1 
ATOM   76  N  N   . ASN A 1 9  ? -5.774  -4.534  -6.312  1.00 6.44  ?  237 ASN A N   1 
ATOM   77  C  CA  . ASN A 1 9  ? -5.260  -5.109  -7.551  1.00 13.05 ?  237 ASN A CA  1 
ATOM   78  C  C   . ASN A 1 9  ? -4.936  -3.963  -8.493  1.00 13.01 ?  237 ASN A C   1 
ATOM   79  O  O   . ASN A 1 9  ? -5.838  -3.266  -8.952  1.00 11.96 ?  237 ASN A O   1 
ATOM   80  C  CB  . ASN A 1 9  ? -6.290  -6.056  -8.164  1.00 9.17  ?  237 ASN A CB  1 
ATOM   81  C  CG  . ASN A 1 9  ? -6.512  -7.284  -7.313  1.00 11.89 ?  237 ASN A CG  1 
ATOM   82  O  OD1 . ASN A 1 9  ? -5.869  -8.311  -7.524  1.00 17.12 ?  237 ASN A OD1 1 
ATOM   83  N  ND2 . ASN A 1 9  ? -7.395  -7.172  -6.306  1.00 12.00 ?  237 ASN A ND2 1 
ATOM   84  N  N   . TYR A 1 10 ? -3.658  -3.782  -8.796  1.00 9.91  ?  238 TYR A N   1 
ATOM   85  C  CA  . TYR A 1 10 ? -3.213  -2.643  -9.582  1.00 11.07 ?  238 TYR A CA  1 
ATOM   86  C  C   . TYR A 1 10 ? -3.165  -2.994  -11.063 1.00 11.96 ?  238 TYR A C   1 
ATOM   87  O  O   . TYR A 1 10 ? -2.776  -4.103  -11.444 1.00 13.65 ?  238 TYR A O   1 
ATOM   88  C  CB  . TYR A 1 10 ? -1.849  -2.161  -9.078  1.00 6.93  ?  238 TYR A CB  1 
ATOM   89  C  CG  . TYR A 1 10 ? -1.948  -1.649  -7.645  1.00 6.62  ?  238 TYR A CG  1 
ATOM   90  C  CD1 . TYR A 1 10 ? -1.855  -2.517  -6.557  1.00 9.15  ?  238 TYR A CD1 1 
ATOM   91  C  CD2 . TYR A 1 10 ? -2.212  -0.308  -7.400  1.00 8.88  ?  238 TYR A CD2 1 
ATOM   92  C  CE1 . TYR A 1 10 ? -1.978  -2.045  -5.246  1.00 9.11  ?  238 TYR A CE1 1 
ATOM   93  C  CE2 . TYR A 1 10 ? -2.348  0.177   -6.100  1.00 11.91 ?  238 TYR A CE2 1 
ATOM   94  C  CZ  . TYR A 1 10 ? -2.219  -0.694  -5.034  1.00 13.12 ?  238 TYR A CZ  1 
ATOM   95  O  OH  . TYR A 1 10 ? -2.333  -0.219  -3.741  1.00 8.72  ?  238 TYR A OH  1 
ATOM   96  N  N   . MET A 1 11 ? -3.568  -2.041  -11.892 1.00 11.52 ?  239 MET A N   1 
ATOM   97  C  CA  . MET A 1 11 ? -3.588  -2.228  -13.335 1.00 18.14 ?  239 MET A CA  1 
ATOM   98  C  C   . MET A 1 11 ? -2.535  -1.383  -14.050 1.00 20.41 ?  239 MET A C   1 
ATOM   99  O  O   . MET A 1 11 ? -2.430  -1.447  -15.281 1.00 19.85 ?  239 MET A O   1 
ATOM   100 C  CB  . MET A 1 11 ? -5.008  -1.937  -13.862 1.00 17.98 ?  239 MET A CB  1 
ATOM   101 C  CG  . MET A 1 11 ? -5.209  -2.001  -15.363 1.00 29.28 ?  239 MET A CG  1 
ATOM   102 S  SD  . MET A 1 11 ? -6.794  -1.304  -15.853 1.00 52.42 ?  239 MET A SD  1 
ATOM   103 C  CE  . MET A 1 11 ? -7.900  -2.536  -15.192 1.00 28.75 ?  239 MET A CE  1 
ATOM   104 N  N   . SER A 1 12 ? -1.726  -0.629  -13.318 1.00 14.97 ?  240 SER A N   1 
ATOM   105 C  CA  . SER A 1 12 ? -0.557  0.048   -13.857 1.00 17.99 ?  240 SER A CA  1 
ATOM   106 C  C   . SER A 1 12 ? 0.544   0.020   -12.806 1.00 17.03 ?  240 SER A C   1 
ATOM   107 O  O   . SER A 1 12 ? 0.273   -0.240  -11.627 1.00 15.91 ?  240 SER A O   1 
ATOM   108 C  CB  . SER A 1 12 ? -0.884  1.487   -14.288 1.00 22.69 ?  240 SER A CB  1 
ATOM   109 O  OG  . SER A 1 12 ? -1.345  2.267   -13.208 1.00 30.43 ?  240 SER A OG  1 
ATOM   110 N  N   . PRO A 1 13 ? 1.800   0.225   -13.208 1.00 18.36 ?  241 PRO A N   1 
ATOM   111 C  CA  . PRO A 1 13 ? 2.907   0.108   -12.243 1.00 11.90 ?  241 PRO A CA  1 
ATOM   112 C  C   . PRO A 1 13 ? 2.760   1.112   -11.121 1.00 15.73 ?  241 PRO A C   1 
ATOM   113 O  O   . PRO A 1 13 ? 2.616   2.311   -11.355 1.00 16.80 ?  241 PRO A O   1 
ATOM   114 C  CB  . PRO A 1 13 ? 4.153   0.411   -13.075 1.00 14.87 ?  241 PRO A CB  1 
ATOM   115 C  CG  . PRO A 1 13 ? 3.776   0.119   -14.423 1.00 17.50 ?  241 PRO A CG  1 
ATOM   116 C  CD  . PRO A 1 13 ? 2.306   0.410   -14.578 1.00 18.93 ?  241 PRO A CD  1 
ATOM   117 N  N   . THR A 1 14 ? 2.867   0.612   -9.900  1.00 13.71 ?  242 THR A N   1 
ATOM   118 C  CA  . THR A 1 14 ? 2.635   1.393   -8.696  1.00 8.54  ?  242 THR A CA  1 
ATOM   119 C  C   . THR A 1 14 ? 3.739   1.087   -7.701  1.00 12.88 ?  242 THR A C   1 
ATOM   120 O  O   . THR A 1 14 ? 4.102   -0.079  -7.501  1.00 10.77 ?  242 THR A O   1 
ATOM   121 C  CB  . THR A 1 14 ? 1.249   1.094   -8.099  1.00 9.98  ?  242 THR A CB  1 
ATOM   122 O  OG1 . THR A 1 14 ? 0.235   1.222   -9.103  1.00 10.81 ?  242 THR A OG1 1 
ATOM   123 C  CG2 . THR A 1 14 ? 0.939   2.039   -6.938  1.00 8.97  ?  242 THR A CG2 1 
ATOM   124 N  N   . PHE A 1 15 ? 4.314   2.139   -7.125  1.00 9.84  ?  243 PHE A N   1 
ATOM   125 C  CA  . PHE A 1 15 ? 5.351   1.968   -6.128  1.00 10.42 ?  243 PHE A CA  1 
ATOM   126 C  C   . PHE A 1 15 ? 4.759   2.052   -4.735  1.00 8.08  ?  243 PHE A C   1 
ATOM   127 O  O   . PHE A 1 15 ? 3.787   2.768   -4.493  1.00 16.10 ?  243 PHE A O   1 
ATOM   128 C  CB  . PHE A 1 15 ? 6.453   3.013   -6.316  1.00 12.74 ?  243 PHE A CB  1 
ATOM   129 C  CG  . PHE A 1 15 ? 7.223   2.808   -7.574  1.00 13.23 ?  243 PHE A CG  1 
ATOM   130 C  CD1 . PHE A 1 15 ? 6.720   3.243   -8.790  1.00 14.09 ?  243 PHE A CD1 1 
ATOM   131 C  CD2 . PHE A 1 15 ? 8.397   2.075   -7.563  1.00 14.44 ?  243 PHE A CD2 1 
ATOM   132 C  CE1 . PHE A 1 15 ? 7.421   3.015   -9.965  1.00 20.79 ?  243 PHE A CE1 1 
ATOM   133 C  CE2 . PHE A 1 15 ? 9.095   1.829   -8.728  1.00 17.84 ?  243 PHE A CE2 1 
ATOM   134 C  CZ  . PHE A 1 15 ? 8.615   2.303   -9.931  1.00 17.82 ?  243 PHE A CZ  1 
ATOM   135 N  N   . CYS A 1 16 ? 5.346   1.286   -3.831  1.00 8.96  ?  244 CYS A N   1 
ATOM   136 C  CA  . CYS A 1 16 ? 5.013   1.397   -2.425  1.00 10.61 ?  244 CYS A CA  1 
ATOM   137 C  C   . CYS A 1 16 ? 5.407   2.766   -1.879  1.00 15.02 ?  244 CYS A C   1 
ATOM   138 O  O   . CYS A 1 16 ? 6.584   3.143   -1.921  1.00 11.59 ?  244 CYS A O   1 
ATOM   139 C  CB  . CYS A 1 16 ? 5.740   0.286   -1.675  1.00 9.91  ?  244 CYS A CB  1 
ATOM   140 S  SG  . CYS A 1 16 ? 5.484   0.326   0.091   1.00 8.76  ?  244 CYS A SG  1 
ATOM   141 N  N   . ASP A 1 17 ? 4.433   3.497   -1.335  1.00 9.01  ?  245 ASP A N   1 
ATOM   142 C  CA  . ASP A 1 17 ? 4.726   4.815   -0.780  1.00 12.71 ?  245 ASP A CA  1 
ATOM   143 C  C   . ASP A 1 17 ? 5.568   4.749   0.489   1.00 14.19 ?  245 ASP A C   1 
ATOM   144 O  O   . ASP A 1 17 ? 6.063   5.789   0.944   1.00 12.51 ?  245 ASP A O   1 
ATOM   145 C  CB  . ASP A 1 17 ? 3.427   5.588   -0.509  1.00 14.11 ?  245 ASP A CB  1 
ATOM   146 C  CG  . ASP A 1 17 ? 2.637   5.876   -1.769  1.00 13.33 ?  245 ASP A CG  1 
ATOM   147 O  OD1 . ASP A 1 17 ? 3.249   6.328   -2.774  1.00 18.32 ?  245 ASP A OD1 1 
ATOM   148 O  OD2 . ASP A 1 17 ? 1.400   5.653   -1.773  1.00 13.26 ?  245 ASP A OD2 1 
ATOM   149 N  N   . HIS A 1 18 ? 5.744   3.568   1.070   1.00 12.98 ?  246 HIS A N   1 
ATOM   150 C  CA  . HIS A 1 18 ? 6.570   3.420   2.261   1.00 12.44 ?  246 HIS A CA  1 
ATOM   151 C  C   . HIS A 1 18 ? 8.035   3.143   1.910   1.00 12.69 ?  246 HIS A C   1 
ATOM   152 O  O   . HIS A 1 18 ? 8.926   3.891   2.313   1.00 12.64 ?  246 HIS A O   1 
ATOM   153 C  CB  . HIS A 1 18 ? 6.017   2.303   3.143   1.00 10.48 ?  246 HIS A CB  1 
ATOM   154 C  CG  . HIS A 1 18 ? 6.850   2.036   4.360   1.00 12.15 ?  246 HIS A CG  1 
ATOM   155 N  ND1 . HIS A 1 18 ? 6.979   2.948   5.385   1.00 13.00 ?  246 HIS A ND1 1 
ATOM   156 C  CD2 . HIS A 1 18 ? 7.603   0.968   4.709   1.00 12.56 ?  246 HIS A CD2 1 
ATOM   157 C  CE1 . HIS A 1 18 ? 7.769   2.448   6.319   1.00 12.60 ?  246 HIS A CE1 1 
ATOM   158 N  NE2 . HIS A 1 18 ? 8.160   1.248   5.934   1.00 14.27 ?  246 HIS A NE2 1 
ATOM   159 N  N   . CYS A 1 19 ? 8.302   2.082   1.154   1.00 11.06 ?  247 CYS A N   1 
ATOM   160 C  CA  . CYS A 1 19 ? 9.674   1.610   0.990   1.00 16.25 ?  247 CYS A CA  1 
ATOM   161 C  C   . CYS A 1 19 ? 10.272  1.909   -0.379  1.00 11.41 ?  247 CYS A C   1 
ATOM   162 O  O   . CYS A 1 19 ? 11.460  1.610   -0.605  1.00 9.40  ?  247 CYS A O   1 
ATOM   163 C  CB  . CYS A 1 19 ? 9.734   0.110   1.273   1.00 10.26 ?  247 CYS A CB  1 
ATOM   164 S  SG  . CYS A 1 19 ? 9.103   -0.909  -0.097  1.00 12.27 ?  247 CYS A SG  1 
ATOM   165 N  N   . GLY A 1 20 ? 9.482   2.468   -1.298  1.00 9.21  ?  248 GLY A N   1 
ATOM   166 C  CA  . GLY A 1 20 ? 9.974   2.936   -2.574  1.00 9.93  ?  248 GLY A CA  1 
ATOM   167 C  C   . GLY A 1 20 ? 10.004  1.911   -3.701  1.00 12.93 ?  248 GLY A C   1 
ATOM   168 O  O   . GLY A 1 20 ? 10.126  2.312   -4.867  1.00 11.40 ?  248 GLY A O   1 
ATOM   169 N  N   . SER A 1 21 ? 9.920   0.613   -3.412  1.00 10.65 ?  249 SER A N   1 
ATOM   170 C  CA  . SER A 1 21 ? 10.049  -0.346  -4.503  1.00 13.40 ?  249 SER A CA  1 
ATOM   171 C  C   . SER A 1 21 ? 8.699   -0.628  -5.162  1.00 14.34 ?  249 SER A C   1 
ATOM   172 O  O   . SER A 1 21 ? 7.629   -0.291  -4.641  1.00 10.76 ?  249 SER A O   1 
ATOM   173 C  CB  . SER A 1 21 ? 10.682  -1.659  -4.040  1.00 12.98 ?  249 SER A CB  1 
ATOM   174 O  OG  . SER A 1 21 ? 9.866   -2.334  -3.115  1.00 19.49 ?  249 SER A OG  1 
ATOM   175 N  N   . LEU A 1 22 ? 8.765   -1.262  -6.335  1.00 9.61  ?  250 LEU A N   1 
ATOM   176 C  CA  . LEU A 1 22 ? 7.562   -1.554  -7.101  1.00 13.67 ?  250 LEU A CA  1 
ATOM   177 C  C   . LEU A 1 22 ? 6.685   -2.527  -6.339  1.00 11.21 ?  250 LEU A C   1 
ATOM   178 O  O   . LEU A 1 22 ? 7.177   -3.410  -5.632  1.00 12.78 ?  250 LEU A O   1 
ATOM   179 C  CB  . LEU A 1 22 ? 7.919   -2.163  -8.465  1.00 14.37 ?  250 LEU A CB  1 
ATOM   180 C  CG  . LEU A 1 22 ? 6.784   -2.369  -9.480  1.00 10.11 ?  250 LEU A CG  1 
ATOM   181 C  CD1 . LEU A 1 22 ? 6.291   -1.036  -10.015 1.00 16.84 ?  250 LEU A CD1 1 
ATOM   182 C  CD2 . LEU A 1 22 ? 7.226   -3.301  -10.624 1.00 16.69 ?  250 LEU A CD2 1 
ATOM   183 N  N   . LEU A 1 23 ? 5.373   -2.363  -6.483  1.00 12.18 ?  251 LEU A N   1 
ATOM   184 C  CA  . LEU A 1 23 ? 4.433   -3.407  -6.074  1.00 10.50 ?  251 LEU A CA  1 
ATOM   185 C  C   . LEU A 1 23 ? 4.391   -4.435  -7.198  1.00 11.37 ?  251 LEU A C   1 
ATOM   186 O  O   . LEU A 1 23 ? 3.634   -4.301  -8.157  1.00 11.26 ?  251 LEU A O   1 
ATOM   187 C  CB  . LEU A 1 23 ? 3.051   -2.821  -5.789  1.00 10.78 ?  251 LEU A CB  1 
ATOM   188 C  CG  . LEU A 1 23 ? 2.989   -1.641  -4.800  1.00 10.53 ?  251 LEU A CG  1 
ATOM   189 C  CD1 . LEU A 1 23 ? 1.553   -1.122  -4.686  1.00 10.55 ?  251 LEU A CD1 1 
ATOM   190 C  CD2 . LEU A 1 23 ? 3.527   -2.064  -3.445  1.00 12.92 ?  251 LEU A CD2 1 
ATOM   191 N  N   . TRP A 1 24 ? 5.217   -5.483  -7.073  1.00 10.62 ?  252 TRP A N   1 
ATOM   192 C  CA  . TRP A 1 24 ? 5.384   -6.478  -8.133  1.00 11.07 ?  252 TRP A CA  1 
ATOM   193 C  C   . TRP A 1 24 ? 4.208   -7.452  -8.193  1.00 11.91 ?  252 TRP A C   1 
ATOM   194 O  O   . TRP A 1 24 ? 3.604   -7.783  -7.172  1.00 16.38 ?  252 TRP A O   1 
ATOM   195 C  CB  . TRP A 1 24 ? 6.663   -7.299  -7.914  1.00 16.69 ?  252 TRP A CB  1 
ATOM   196 C  CG  . TRP A 1 24 ? 7.949   -6.523  -7.958  1.00 26.24 ?  252 TRP A CG  1 
ATOM   197 C  CD1 . TRP A 1 24 ? 8.534   -5.840  -6.936  1.00 24.46 ?  252 TRP A CD1 1 
ATOM   198 C  CD2 . TRP A 1 24 ? 8.825   -6.387  -9.083  1.00 26.01 ?  252 TRP A CD2 1 
ATOM   199 N  NE1 . TRP A 1 24 ? 9.708   -5.260  -7.360  1.00 25.96 ?  252 TRP A NE1 1 
ATOM   200 C  CE2 . TRP A 1 24 ? 9.912   -5.588  -8.673  1.00 25.32 ?  252 TRP A CE2 1 
ATOM   201 C  CE3 . TRP A 1 24 ? 8.791   -6.856  -10.400 1.00 30.30 ?  252 TRP A CE3 1 
ATOM   202 C  CZ2 . TRP A 1 24 ? 10.953  -5.243  -9.535  1.00 26.73 ?  252 TRP A CZ2 1 
ATOM   203 C  CZ3 . TRP A 1 24 ? 9.832   -6.516  -11.253 1.00 35.33 ?  252 TRP A CZ3 1 
ATOM   204 C  CH2 . TRP A 1 24 ? 10.894  -5.716  -10.815 1.00 34.64 ?  252 TRP A CH2 1 
ATOM   205 N  N   . GLY A 1 25 ? 3.941   -7.971  -9.388  1.00 11.64 ?  253 GLY A N   1 
ATOM   206 C  CA  . GLY A 1 25 ? 3.022   -9.084  -9.532  1.00 12.03 ?  253 GLY A CA  1 
ATOM   207 C  C   . GLY A 1 25 ? 1.816   -8.739  -10.390 1.00 12.21 ?  253 GLY A C   1 
ATOM   208 O  O   . GLY A 1 25 ? 1.585   -7.596  -10.771 1.00 11.93 ?  253 GLY A O   1 
ATOM   209 N  N   . LEU A 1 26 ? 1.036   -9.783  -10.681 1.00 11.51 ?  254 LEU A N   1 
ATOM   210 C  CA  . LEU A 1 26 ? -0.101  -9.672  -11.588 1.00 15.06 ?  254 LEU A CA  1 
ATOM   211 C  C   . LEU A 1 26 ? -1.395  -9.278  -10.879 1.00 9.24  ?  254 LEU A C   1 
ATOM   212 O  O   . LEU A 1 26 ? -2.246  -8.607  -11.482 1.00 12.19 ?  254 LEU A O   1 
ATOM   213 C  CB  . LEU A 1 26 ? -0.287  -10.991 -12.340 1.00 15.96 ?  254 LEU A CB  1 
ATOM   214 C  CG  . LEU A 1 26 ? 0.873   -11.296 -13.294 1.00 13.67 ?  254 LEU A CG  1 
ATOM   215 C  CD1 . LEU A 1 26 ? 0.671   -12.656 -13.969 1.00 18.39 ?  254 LEU A CD1 1 
ATOM   216 C  CD2 . LEU A 1 26 ? 0.988   -10.186 -14.340 1.00 16.10 ?  254 LEU A CD2 1 
ATOM   217 N  N   . VAL A 1 27 ? -1.542  -9.651  -9.608  1.00 10.55 ?  255 VAL A N   1 
ATOM   218 C  CA  . VAL A 1 27 ? -2.745  -9.388  -8.824  1.00 9.94  ?  255 VAL A CA  1 
ATOM   219 C  C   . VAL A 1 27 ? -2.338  -9.227  -7.372  1.00 10.74 ?  255 VAL A C   1 
ATOM   220 O  O   . VAL A 1 27 ? -1.231  -9.602  -6.967  1.00 10.07 ?  255 VAL A O   1 
ATOM   221 C  CB  . VAL A 1 27 ? -3.817  -10.510 -8.922  1.00 16.13 ?  255 VAL A CB  1 
ATOM   222 C  CG1 . VAL A 1 27 ? -4.214  -10.781 -10.354 1.00 16.13 ?  255 VAL A CG1 1 
ATOM   223 C  CG2 . VAL A 1 27 ? -3.315  -11.794 -8.241  1.00 18.16 ?  255 VAL A CG2 1 
ATOM   224 N  N   . LYS A 1 28 ? -3.247  -8.634  -6.592  1.00 11.21 ?  256 LYS A N   1 
ATOM   225 C  CA  . LYS A 1 28 ? -3.089  -8.481  -5.153  1.00 6.90  ?  256 LYS A CA  1 
ATOM   226 C  C   . LYS A 1 28 ? -1.693  -7.979  -4.792  1.00 6.96  ?  256 LYS A C   1 
ATOM   227 O  O   . LYS A 1 28 ? -1.053  -8.479  -3.865  1.00 11.59 ?  256 LYS A O   1 
ATOM   228 C  CB  . LYS A 1 28 ? -3.385  -9.801  -4.449  1.00 11.28 ?  256 LYS A CB  1 
ATOM   229 C  CG  . LYS A 1 28 ? -4.755  -10.369 -4.770  1.00 16.59 ?  256 LYS A CG  1 
ATOM   230 C  CD  . LYS A 1 28 ? -5.088  -11.499 -3.832  1.00 21.94 ?  256 LYS A CD  1 
ATOM   231 C  CE  . LYS A 1 28 ? -6.502  -12.007 -4.056  1.00 30.81 ?  256 LYS A CE  1 
ATOM   232 N  NZ  . LYS A 1 28 ? -6.943  -12.836 -2.892  1.00 46.09 ?  256 LYS A NZ  1 
ATOM   233 N  N   . GLN A 1 29 ? -1.202  -6.983  -5.531  1.00 10.28 ?  257 GLN A N   1 
ATOM   234 C  CA  . GLN A 1 29 ? 0.205   -6.625  -5.388  1.00 7.10  ?  257 GLN A CA  1 
ATOM   235 C  C   . GLN A 1 29 ? 0.519   -5.862  -4.109  1.00 8.57  ?  257 GLN A C   1 
ATOM   236 O  O   . GLN A 1 29 ? 1.693   -5.792  -3.719  1.00 9.74  ?  257 GLN A O   1 
ATOM   237 C  CB  . GLN A 1 29 ? 0.692   -5.811  -6.599  1.00 8.29  ?  257 GLN A CB  1 
ATOM   238 C  CG  . GLN A 1 29 ? 0.505   -6.486  -7.964  1.00 11.30 ?  257 GLN A CG  1 
ATOM   239 C  CD  . GLN A 1 29 ? -0.738  -5.989  -8.677  1.00 12.17 ?  257 GLN A CD  1 
ATOM   240 O  OE1 . GLN A 1 29 ? -1.743  -5.676  -8.038  1.00 11.09 ?  257 GLN A OE1 1 
ATOM   241 N  NE2 . GLN A 1 29 ? -0.673  -5.893  -10.004 1.00 10.83 ?  257 GLN A NE2 1 
ATOM   242 N  N   . GLY A 1 30 ? -0.482  -5.314  -3.442  1.00 8.07  ?  258 GLY A N   1 
ATOM   243 C  CA  . GLY A 1 30 ? -0.244  -4.469  -2.284  1.00 7.66  ?  258 GLY A CA  1 
ATOM   244 C  C   . GLY A 1 30 ? -1.568  -4.056  -1.693  1.00 11.39 ?  258 GLY A C   1 
ATOM   245 O  O   . GLY A 1 30 ? -2.621  -4.597  -2.058  1.00 10.32 ?  258 GLY A O   1 
ATOM   246 N  N   . LEU A 1 31 ? -1.509  -3.055  -0.812  1.00 8.23  ?  259 LEU A N   1 
ATOM   247 C  CA  . LEU A 1 31 ? -2.678  -2.532  -0.117  1.00 8.02  ?  259 LEU A CA  1 
ATOM   248 C  C   . LEU A 1 31 ? -2.863  -1.051  -0.414  1.00 7.31  ?  259 LEU A C   1 
ATOM   249 O  O   . LEU A 1 31 ? -1.892  -0.291  -0.456  1.00 9.25  ?  259 LEU A O   1 
ATOM   250 C  CB  . LEU A 1 31 ? -2.542  -2.719  1.411   1.00 11.79 ?  259 LEU A CB  1 
ATOM   251 C  CG  . LEU A 1 31 ? -2.042  -4.067  1.922   1.00 11.68 ?  259 LEU A CG  1 
ATOM   252 C  CD1 . LEU A 1 31 ? -1.782  -4.040  3.460   1.00 17.94 ?  259 LEU A CD1 1 
ATOM   253 C  CD2 . LEU A 1 31 ? -3.039  -5.116  1.591   1.00 16.87 ?  259 LEU A CD2 1 
ATOM   254 N  N   . LYS A 1 32 ? -4.115  -0.626  -0.572  1.00 7.81  ?  260 LYS A N   1 
ATOM   255 C  CA  . LYS A 1 32 ? -4.438  0.776   -0.814  1.00 9.39  ?  260 LYS A CA  1 
ATOM   256 C  C   . LYS A 1 32 ? -5.257  1.297   0.357   1.00 10.77 ?  260 LYS A C   1 
ATOM   257 O  O   . LYS A 1 32 ? -6.164  0.614   0.838   1.00 11.05 ?  260 LYS A O   1 
ATOM   258 C  CB  . LYS A 1 32 ? -5.232  0.957   -2.145  1.00 7.21  ?  260 LYS A CB  1 
ATOM   259 C  CG  . LYS A 1 32 ? -5.680  2.391   -2.458  1.00 13.82 ?  260 LYS A CG  1 
ATOM   260 C  CD  . LYS A 1 32 ? -6.511  2.448   -3.757  1.00 16.31 ?  260 LYS A CD  1 
ATOM   261 C  CE  . LYS A 1 32 ? -5.652  2.382   -5.010  1.00 12.49 ?  260 LYS A CE  1 
ATOM   262 N  NZ  . LYS A 1 32 ? -4.638  3.501   -5.077  1.00 13.98 ?  260 LYS A NZ  1 
ATOM   263 N  N   . CYS A 1 33 ? -4.922  2.494   0.833   1.00 7.54  ?  261 CYS A N   1 
ATOM   264 C  CA  . CYS A 1 33 ? -5.721  3.125   1.877   1.00 6.72  ?  261 CYS A CA  1 
ATOM   265 C  C   . CYS A 1 33 ? -7.032  3.637   1.305   1.00 11.79 ?  261 CYS A C   1 
ATOM   266 O  O   . CYS A 1 33 ? -7.049  4.437   0.362   1.00 11.63 ?  261 CYS A O   1 
ATOM   267 C  CB  . CYS A 1 33 ? -4.994  4.307   2.526   1.00 10.19 ?  261 CYS A CB  1 
ATOM   268 S  SG  . CYS A 1 33 ? -5.926  5.004   3.911   1.00 10.37 ?  261 CYS A SG  1 
ATOM   269 N  N   . GLU A 1 34 ? -8.121  3.219   1.935   1.00 10.09 ?  262 GLU A N   1 
ATOM   270 C  CA  . GLU A 1 34 ? -9.455  3.616   1.505   1.00 12.38 ?  262 GLU A CA  1 
ATOM   271 C  C   . GLU A 1 34 ? -9.626  5.126   1.525   1.00 14.22 ?  262 GLU A C   1 
ATOM   272 O  O   . GLU A 1 34 ? -10.402 5.674   0.724   1.00 15.59 ?  262 GLU A O   1 
ATOM   273 C  CB  . GLU A 1 34 ? -10.485 2.948   2.413   1.00 15.20 ?  262 GLU A CB  1 
ATOM   274 C  CG  . GLU A 1 34 ? -11.937 3.247   2.096   1.00 21.70 ?  262 GLU A CG  1 
ATOM   275 C  CD  . GLU A 1 34 ? -12.430 2.561   0.832   1.00 24.56 ?  262 GLU A CD  1 
ATOM   276 O  OE1 . GLU A 1 34 ? -11.907 1.483   0.467   1.00 18.38 ?  262 GLU A OE1 1 
ATOM   277 O  OE2 . GLU A 1 34 ? -13.375 3.091   0.223   1.00 28.24 ?  262 GLU A OE2 1 
ATOM   278 N  N   . ASP A 1 35 ? -8.897  5.817   2.406   1.00 9.91  ?  263 ASP A N   1 
ATOM   279 C  CA  . ASP A 1 35 ? -9.171  7.217   2.706   1.00 18.63 ?  263 ASP A CA  1 
ATOM   280 C  C   . ASP A 1 35 ? -8.195  8.181   2.048   1.00 16.63 ?  263 ASP A C   1 
ATOM   281 O  O   . ASP A 1 35 ? -8.612  9.242   1.569   1.00 15.68 ?  263 ASP A O   1 
ATOM   282 C  CB  . ASP A 1 35 ? -9.160  7.422   4.224   1.00 14.94 ?  263 ASP A CB  1 
ATOM   283 C  CG  . ASP A 1 35 ? -10.227 6.581   4.922   1.00 14.58 ?  263 ASP A CG  1 
ATOM   284 O  OD1 . ASP A 1 35 ? -11.414 6.627   4.511   1.00 14.43 ?  263 ASP A OD1 1 
ATOM   285 O  OD2 . ASP A 1 35 ? -9.873  5.818   5.857   1.00 17.36 ?  263 ASP A OD2 1 
ATOM   286 N  N   . CYS A 1 36 ? -6.901  7.870   2.028   1.00 11.21 ?  264 CYS A N   1 
ATOM   287 C  CA  . CYS A 1 36 ? -5.940  8.763   1.389   1.00 12.46 ?  264 CYS A CA  1 
ATOM   288 C  C   . CYS A 1 36 ? -5.331  8.187   0.112   1.00 15.12 ?  264 CYS A C   1 
ATOM   289 O  O   . CYS A 1 36 ? -4.632  8.912   -0.606  1.00 17.85 ?  264 CYS A O   1 
ATOM   290 C  CB  . CYS A 1 36 ? -4.821  9.131   2.371   1.00 15.29 ?  264 CYS A CB  1 
ATOM   291 S  SG  . CYS A 1 36 ? -3.667  7.768   2.700   1.00 14.52 ?  264 CYS A SG  1 
ATOM   292 N  N   . GLY A 1 37 ? -5.556  6.914   -0.183  1.00 14.00 ?  265 GLY A N   1 
ATOM   293 C  CA  . GLY A 1 37 ? -5.050  6.352   -1.420  1.00 15.67 ?  265 GLY A CA  1 
ATOM   294 C  C   . GLY A 1 37 ? -3.595  5.920   -1.404  1.00 12.50 ?  265 GLY A C   1 
ATOM   295 O  O   . GLY A 1 37 ? -3.079  5.525   -2.453  1.00 12.65 ?  265 GLY A O   1 
ATOM   296 N  N   . MET A 1 38 ? -2.929  5.959   -0.254  1.00 10.37 ?  266 MET A N   1 
ATOM   297 C  CA  . MET A 1 38 ? -1.545  5.491   -0.161  1.00 9.51  ?  266 MET A CA  1 
ATOM   298 C  C   . MET A 1 38 ? -1.491  4.003   -0.505  1.00 7.69  ?  266 MET A C   1 
ATOM   299 O  O   . MET A 1 38 ? -2.423  3.254   -0.216  1.00 10.26 ?  266 MET A O   1 
ATOM   300 C  CB  . MET A 1 38 ? -1.012  5.775   1.256   1.00 11.72 ?  266 MET A CB  1 
ATOM   301 C  CG  . MET A 1 38 ? 0.467   5.416   1.569   1.00 15.04 ?  266 MET A CG  1 
ATOM   302 S  SD  . MET A 1 38 ? 0.838   5.488   3.359   1.00 18.57 ?  266 MET A SD  1 
ATOM   303 C  CE  . MET A 1 38 ? 2.635   5.421   3.311   1.00 27.30 ?  266 MET A CE  1 
ATOM   304 N  N   . ASN A 1 39 ? -0.430  3.589   -1.197  1.00 8.55  ?  267 ASN A N   1 
ATOM   305 C  CA  . ASN A 1 39 ? -0.237  2.198   -1.616  1.00 9.24  ?  267 ASN A CA  1 
ATOM   306 C  C   . ASN A 1 39 ? 0.999   1.629   -0.932  1.00 12.00 ?  267 ASN A C   1 
ATOM   307 O  O   . ASN A 1 39 ? 2.053   2.274   -0.928  1.00 10.67 ?  267 ASN A O   1 
ATOM   308 C  CB  . ASN A 1 39 ? -0.083  2.121   -3.143  1.00 10.99 ?  267 ASN A CB  1 
ATOM   309 C  CG  . ASN A 1 39 ? -1.188  2.870   -3.872  1.00 10.13 ?  267 ASN A CG  1 
ATOM   310 O  OD1 . ASN A 1 39 ? -2.340  2.471   -3.803  1.00 9.40  ?  267 ASN A OD1 1 
ATOM   311 N  ND2 . ASN A 1 39 ? -0.848  4.005   -4.501  1.00 6.42  ?  267 ASN A ND2 1 
ATOM   312 N  N   . VAL A 1 40 ? 0.883   0.423   -0.354  1.00 9.06  ?  268 VAL A N   1 
ATOM   313 C  CA  . VAL A 1 40 ? 1.997   -0.200  0.365   1.00 11.73 ?  268 VAL A CA  1 
ATOM   314 C  C   . VAL A 1 40 ? 2.021   -1.708  0.129   1.00 7.62  ?  268 VAL A C   1 
ATOM   315 O  O   . VAL A 1 40 ? 0.990   -2.328  -0.144  1.00 10.65 ?  268 VAL A O   1 
ATOM   316 C  CB  . VAL A 1 40 ? 1.939   0.077   1.887   1.00 7.39  ?  268 VAL A CB  1 
ATOM   317 C  CG1 . VAL A 1 40 ? 1.998   1.571   2.212   1.00 11.24 ?  268 VAL A CG1 1 
ATOM   318 C  CG2 . VAL A 1 40 ? 0.696   -0.581  2.514   1.00 9.38  ?  268 VAL A CG2 1 
ATOM   319 N  N   . HIS A 1 41 ? 3.216   -2.307  0.222   1.00 9.16  ?  269 HIS A N   1 
ATOM   320 C  CA  . HIS A 1 41 ? 3.317   -3.775  0.290   1.00 9.37  ?  269 HIS A CA  1 
ATOM   321 C  C   . HIS A 1 41 ? 2.554   -4.306  1.505   1.00 12.26 ?  269 HIS A C   1 
ATOM   322 O  O   . HIS A 1 41 ? 2.394   -3.612  2.510   1.00 11.14 ?  269 HIS A O   1 
ATOM   323 C  CB  . HIS A 1 41 ? 4.791   -4.217  0.395   1.00 11.65 ?  269 HIS A CB  1 
ATOM   324 C  CG  . HIS A 1 41 ? 5.608   -3.931  -0.820  1.00 12.81 ?  269 HIS A CG  1 
ATOM   325 N  ND1 . HIS A 1 41 ? 6.457   -2.846  -0.910  1.00 10.13 ?  269 HIS A ND1 1 
ATOM   326 C  CD2 . HIS A 1 41 ? 5.722   -4.596  -1.995  1.00 13.99 ?  269 HIS A CD2 1 
ATOM   327 C  CE1 . HIS A 1 41 ? 7.048   -2.849  -2.092  1.00 10.84 ?  269 HIS A CE1 1 
ATOM   328 N  NE2 . HIS A 1 41 ? 6.615   -3.898  -2.771  1.00 9.66  ?  269 HIS A NE2 1 
ATOM   329 N  N   . HIS A 1 42 ? 2.091   -5.560  1.425   1.00 8.95  ?  270 HIS A N   1 
ATOM   330 C  CA  . HIS A 1 42 ? 1.481   -6.192  2.599   1.00 9.10  ?  270 HIS A CA  1 
ATOM   331 C  C   . HIS A 1 42 ? 2.359   -6.061  3.835   1.00 8.89  ?  270 HIS A C   1 
ATOM   332 O  O   . HIS A 1 42 ? 1.888   -5.659  4.904   1.00 11.68 ?  270 HIS A O   1 
ATOM   333 C  CB  . HIS A 1 42 ? 1.169   -7.672  2.356   1.00 15.96 ?  270 HIS A CB  1 
ATOM   334 C  CG  . HIS A 1 42 ? 0.202   -7.929  1.240   1.00 18.85 ?  270 HIS A CG  1 
ATOM   335 N  ND1 . HIS A 1 42 ? 0.421   -7.529  -0.060  1.00 25.94 ?  270 HIS A ND1 1 
ATOM   336 C  CD2 . HIS A 1 42 ? -1.023  -8.509  1.254   1.00 26.53 ?  270 HIS A CD2 1 
ATOM   337 C  CE1 . HIS A 1 42 ? -0.619  -7.866  -0.803  1.00 21.94 ?  270 HIS A CE1 1 
ATOM   338 N  NE2 . HIS A 1 42 ? -1.510  -8.459  -0.030  1.00 26.03 ?  270 HIS A NE2 1 
ATOM   339 N  N   . LYS A 1 43 ? 3.651   -6.380  3.701   1.00 12.32 ?  271 LYS A N   1 
ATOM   340 C  CA  . LYS A 1 43 ? 4.537   -6.342  4.856   1.00 13.82 ?  271 LYS A CA  1 
ATOM   341 C  C   . LYS A 1 43 ? 4.907   -4.922  5.275   1.00 15.69 ?  271 LYS A C   1 
ATOM   342 O  O   . LYS A 1 43 ? 5.332   -4.719  6.416   1.00 23.32 ?  271 LYS A O   1 
ATOM   343 C  CB  . LYS A 1 43 ? 5.801   -7.156  4.570   1.00 21.83 ?  271 LYS A CB  1 
ATOM   344 C  CG  . LYS A 1 43 ? 5.520   -8.611  4.222   1.00 29.16 ?  271 LYS A CG  1 
ATOM   345 C  CD  . LYS A 1 43 ? 5.101   -9.383  5.457   1.00 32.70 ?  271 LYS A CD  1 
ATOM   346 C  CE  . LYS A 1 43 ? 4.629   -10.783 5.100   1.00 39.10 ?  271 LYS A CE  1 
ATOM   347 N  NZ  . LYS A 1 43 ? 5.769   -11.661 4.717   1.00 47.86 ?  271 LYS A NZ  1 
ATOM   348 N  N   . CYS A 1 44 ? 4.731   -3.933  4.409   1.00 11.95 ?  272 CYS A N   1 
ATOM   349 C  CA  . CYS A 1 44 ? 5.015   -2.560  4.817   1.00 16.40 ?  272 CYS A CA  1 
ATOM   350 C  C   . CYS A 1 44 ? 3.870   -1.904  5.570   1.00 15.76 ?  272 CYS A C   1 
ATOM   351 O  O   . CYS A 1 44 ? 4.072   -0.830  6.154   1.00 13.07 ?  272 CYS A O   1 
ATOM   352 C  CB  . CYS A 1 44 ? 5.387   -1.697  3.608   1.00 10.25 ?  272 CYS A CB  1 
ATOM   353 S  SG  . CYS A 1 44 ? 6.927   -2.166  2.788   1.00 11.99 ?  272 CYS A SG  1 
ATOM   354 N  N   . ARG A 1 45 ? 2.688   -2.529  5.596   1.00 13.93 ?  273 ARG A N   1 
ATOM   355 C  CA  A ARG A 1 45 ? 1.531   -1.898  6.230   0.42 12.48 ?  273 ARG A CA  1 
ATOM   356 C  CA  B ARG A 1 45 ? 1.535   -1.899  6.225   0.58 12.42 ?  273 ARG A CA  1 
ATOM   357 C  C   . ARG A 1 45 ? 1.801   -1.575  7.689   1.00 15.51 ?  273 ARG A C   1 
ATOM   358 O  O   . ARG A 1 45 ? 1.472   -0.487  8.158   1.00 13.11 ?  273 ARG A O   1 
ATOM   359 C  CB  A ARG A 1 45 ? 0.290   -2.781  6.136   0.42 15.71 ?  273 ARG A CB  1 
ATOM   360 C  CB  B ARG A 1 45 ? 0.322   -2.806  6.087   0.58 15.65 ?  273 ARG A CB  1 
ATOM   361 C  CG  A ARG A 1 45 ? -0.976  -2.019  6.578   0.42 19.82 ?  273 ARG A CG  1 
ATOM   362 C  CG  B ARG A 1 45 ? -0.988  -2.105  6.374   0.58 20.37 ?  273 ARG A CG  1 
ATOM   363 C  CD  A ARG A 1 45 ? -1.356  -2.226  8.054   0.42 23.41 ?  273 ARG A CD  1 
ATOM   364 C  CD  B ARG A 1 45 ? -1.634  -2.619  7.642   0.58 22.06 ?  273 ARG A CD  1 
ATOM   365 N  NE  A ARG A 1 45 ? -2.334  -1.232  8.501   0.42 25.88 ?  273 ARG A NE  1 
ATOM   366 N  NE  B ARG A 1 45 ? -2.473  -3.787  7.401   0.58 25.15 ?  273 ARG A NE  1 
ATOM   367 C  CZ  A ARG A 1 45 ? -2.034  -0.072  9.086   0.42 24.71 ?  273 ARG A CZ  1 
ATOM   368 C  CZ  B ARG A 1 45 ? -2.038  -5.034  7.239   0.58 26.69 ?  273 ARG A CZ  1 
ATOM   369 N  NH1 A ARG A 1 45 ? -0.773  0.246   9.365   0.42 14.53 ?  273 ARG A NH1 1 
ATOM   370 N  NH1 B ARG A 1 45 ? -2.910  -6.003  7.002   0.58 30.61 ?  273 ARG A NH1 1 
ATOM   371 N  NH2 A ARG A 1 45 ? -3.007  0.761   9.420   0.42 17.46 ?  273 ARG A NH2 1 
ATOM   372 N  NH2 B ARG A 1 45 ? -0.751  -5.331  7.353   0.58 32.22 ?  273 ARG A NH2 1 
ATOM   373 N  N   . GLU A 1 46 ? 2.369   -2.525  8.430   1.00 12.90 ?  274 GLU A N   1 
ATOM   374 C  CA  . GLU A 1 46 ? 2.556   -2.289  9.863   1.00 18.09 ?  274 GLU A CA  1 
ATOM   375 C  C   . GLU A 1 46 ? 3.609   -1.238  10.177  1.00 16.24 ?  274 GLU A C   1 
ATOM   376 O  O   . GLU A 1 46 ? 3.645   -0.771  11.321  1.00 18.58 ?  274 GLU A O   1 
ATOM   377 C  CB  . GLU A 1 46 ? 2.927   -3.586  10.572  1.00 24.16 ?  274 GLU A CB  1 
ATOM   378 C  CG  . GLU A 1 46 ? 4.346   -4.025  10.264  1.00 30.45 ?  274 GLU A CG  1 
ATOM   379 C  CD  . GLU A 1 46 ? 4.711   -5.348  10.905  1.00 36.36 ?  274 GLU A CD  1 
ATOM   380 O  OE1 . GLU A 1 46 ? 5.897   -5.720  10.823  1.00 36.26 ?  274 GLU A OE1 1 
ATOM   381 O  OE2 . GLU A 1 46 ? 3.819   -6.002  11.492  1.00 40.71 ?  274 GLU A OE2 1 
ATOM   382 N  N   . LYS A 1 47 ? 4.438   -0.844  9.197   1.00 12.06 ?  275 LYS A N   1 
ATOM   383 C  CA  A LYS A 1 47 ? 5.548   0.086   9.393   0.49 17.13 ?  275 LYS A CA  1 
ATOM   384 C  CA  B LYS A 1 47 ? 5.546   0.084   9.407   0.51 17.12 ?  275 LYS A CA  1 
ATOM   385 C  C   . LYS A 1 47 ? 5.249   1.516   8.963   1.00 11.38 ?  275 LYS A C   1 
ATOM   386 O  O   . LYS A 1 47 ? 6.019   2.425   9.314   1.00 12.85 ?  275 LYS A O   1 
ATOM   387 C  CB  A LYS A 1 47 ? 6.779   -0.377  8.603   0.49 23.01 ?  275 LYS A CB  1 
ATOM   388 C  CB  B LYS A 1 47 ? 6.793   -0.409  8.655   0.51 23.03 ?  275 LYS A CB  1 
ATOM   389 C  CG  A LYS A 1 47 ? 7.409   -1.665  9.074   0.49 22.58 ?  275 LYS A CG  1 
ATOM   390 C  CG  B LYS A 1 47 ? 7.129   -1.883  8.877   0.51 22.12 ?  275 LYS A CG  1 
ATOM   391 C  CD  A LYS A 1 47 ? 8.207   -1.434  10.335  0.49 18.98 ?  275 LYS A CD  1 
ATOM   392 C  CD  B LYS A 1 47 ? 8.317   -2.333  8.035   0.51 20.32 ?  275 LYS A CD  1 
ATOM   393 C  CE  A LYS A 1 47 ? 9.448   -2.300  10.331  0.49 24.19 ?  275 LYS A CE  1 
ATOM   394 C  CE  B LYS A 1 47 ? 8.209   -3.825  7.715   0.51 23.41 ?  275 LYS A CE  1 
ATOM   395 N  NZ  A LYS A 1 47 ? 10.159  -2.284  11.624  0.49 18.90 ?  275 LYS A NZ  1 
ATOM   396 N  NZ  B LYS A 1 47 ? 8.912   -4.216  6.465   0.51 21.84 ?  275 LYS A NZ  1 
ATOM   397 N  N   . VAL A 1 48 ? 4.180   1.747   8.189   1.00 15.28 ?  276 VAL A N   1 
ATOM   398 C  CA  . VAL A 1 48 ? 3.941   3.082   7.632   1.00 14.06 ?  276 VAL A CA  1 
ATOM   399 C  C   . VAL A 1 48 ? 3.544   4.038   8.746   1.00 22.80 ?  276 VAL A C   1 
ATOM   400 O  O   . VAL A 1 48 ? 2.936   3.640   9.741   1.00 15.04 ?  276 VAL A O   1 
ATOM   401 C  CB  . VAL A 1 48 ? 2.840   3.064   6.554   1.00 20.98 ?  276 VAL A CB  1 
ATOM   402 C  CG1 . VAL A 1 48 ? 3.340   2.459   5.307   1.00 27.69 ?  276 VAL A CG1 1 
ATOM   403 C  CG2 . VAL A 1 48 ? 1.602   2.353   7.047   1.00 20.12 ?  276 VAL A CG2 1 
ATOM   404 N  N   . ALA A 1 49 ? 3.861   5.320   8.575   1.00 21.72 ?  277 ALA A N   1 
ATOM   405 C  CA  . ALA A 1 49 ? 3.337   6.299   9.522   1.00 26.55 ?  277 ALA A CA  1 
ATOM   406 C  C   . ALA A 1 49 ? 1.817   6.262   9.464   1.00 24.54 ?  277 ALA A C   1 
ATOM   407 O  O   . ALA A 1 49 ? 1.235   6.188   8.378   1.00 24.16 ?  277 ALA A O   1 
ATOM   408 C  CB  . ALA A 1 49 ? 3.869   7.701   9.217   1.00 31.48 ?  277 ALA A CB  1 
ATOM   409 N  N   . ASN A 1 50 ? 1.177   6.257   10.632  1.00 23.94 ?  278 ASN A N   1 
ATOM   410 C  CA  . ASN A 1 50 ? -0.251  5.965   10.730  1.00 33.38 ?  278 ASN A CA  1 
ATOM   411 C  C   . ASN A 1 50 ? -1.102  7.215   10.959  1.00 22.95 ?  278 ASN A C   1 
ATOM   412 O  O   . ASN A 1 50 ? -2.132  7.140   11.631  1.00 27.48 ?  278 ASN A O   1 
ATOM   413 C  CB  . ASN A 1 50 ? -0.503  4.934   11.834  1.00 23.75 ?  278 ASN A CB  1 
ATOM   414 C  CG  . ASN A 1 50 ? -1.741  4.046   11.567  1.00 38.62 ?  278 ASN A CG  1 
ATOM   415 O  OD1 . ASN A 1 50 ? -2.171  3.836   10.408  1.00 18.48 ?  278 ASN A OD1 1 
ATOM   416 N  ND2 . ASN A 1 50 ? -2.288  3.482   12.645  1.00 35.39 ?  278 ASN A ND2 1 
ATOM   417 N  N   . LEU A 1 51 ? -0.701  8.362   10.409  1.00 23.07 ?  279 LEU A N   1 
ATOM   418 C  CA  . LEU A 1 51 ? -1.561  9.547   10.364  1.00 19.06 ?  279 LEU A CA  1 
ATOM   419 C  C   . LEU A 1 51 ? -2.109  9.652   8.948   1.00 20.49 ?  279 LEU A C   1 
ATOM   420 O  O   . LEU A 1 51 ? -1.406  10.062  8.016   1.00 18.56 ?  279 LEU A O   1 
ATOM   421 C  CB  . LEU A 1 51 ? -0.816  10.817  10.769  1.00 23.10 ?  279 LEU A CB  1 
ATOM   422 C  CG  . LEU A 1 51 ? -0.175  10.824  12.154  1.00 31.50 ?  279 LEU A CG  1 
ATOM   423 C  CD1 . LEU A 1 51 ? 0.734   12.042  12.336  1.00 28.26 ?  279 LEU A CD1 1 
ATOM   424 C  CD2 . LEU A 1 51 ? -1.260  10.791  13.221  1.00 29.24 ?  279 LEU A CD2 1 
ATOM   425 N  N   . CYS A 1 52 ? -3.363  9.267   8.786   1.00 16.60 ?  280 CYS A N   1 
ATOM   426 C  CA  . CYS A 1 52 ? -4.009  9.315   7.495   1.00 13.66 ?  280 CYS A CA  1 
ATOM   427 C  C   . CYS A 1 52 ? -4.549  10.712  7.223   1.00 22.39 ?  280 CYS A C   1 
ATOM   428 O  O   . CYS A 1 52 ? -5.330  11.192  8.029   1.00 17.67 ?  280 CYS A O   1 
ATOM   429 C  CB  . CYS A 1 52 ? -5.130  8.286   7.452   1.00 8.21  ?  280 CYS A CB  1 
ATOM   430 S  SG  . CYS A 1 52 ? -5.908  8.141   5.869   1.00 11.81 ?  280 CYS A SG  1 
HETATM 431 ZN ZN  . ZN  B 2 .  ? -4.566  6.753   4.606   1.00 12.98 ?  301 ZN  A ZN  1 
HETATM 432 ZN ZN  . ZN  C 2 .  ? 6.962   -1.452  0.610   1.00 13.55 ?  302 ZN  A ZN  1 
HETATM 433 C  C10 . XYV D 3 .  ? 2.451   -4.257  -14.722 1.00 16.57 ?  303 XYV A C10 1 
HETATM 434 C  C13 . XYV D 3 .  ? 5.980   -5.137  -13.439 1.00 20.22 ?  303 XYV A C13 1 
HETATM 435 C  C17 . XYV D 3 .  ? 3.094   -4.739  -11.291 1.00 10.64 ?  303 XYV A C17 1 
HETATM 436 C  C20 . XYV D 3 .  ? 1.537   -2.996  -10.136 1.00 9.07  ?  303 XYV A C20 1 
HETATM 437 C  C26 . XYV D 3 .  ? -0.539  -2.561  -17.361 1.00 15.88 ?  303 XYV A C26 1 
HETATM 438 C  C28 . XYV D 3 .  ? -1.526  -1.729  -18.211 1.00 27.39 ?  303 XYV A C28 1 
HETATM 439 C  C01 . XYV D 3 .  ? 3.489   -5.103  -16.939 1.00 22.29 ?  303 XYV A C01 1 
HETATM 440 C  C02 . XYV D 3 .  ? 2.451   -5.368  -15.818 1.00 19.22 ?  303 XYV A C02 1 
HETATM 441 C  C03 . XYV D 3 .  ? 1.012   -5.562  -16.485 1.00 21.57 ?  303 XYV A C03 1 
HETATM 442 C  C04 . XYV D 3 .  ? -0.023  -4.508  -16.126 1.00 25.93 ?  303 XYV A C04 1 
HETATM 443 C  C05 . XYV D 3 .  ? -0.170  -4.262  -14.613 1.00 14.14 ?  303 XYV A C05 1 
HETATM 444 C  C06 . XYV D 3 .  ? -0.979  -5.385  -15.260 1.00 16.17 ?  303 XYV A C06 1 
HETATM 445 C  C07 . XYV D 3 .  ? -2.498  -5.091  -15.380 1.00 21.88 ?  303 XYV A C07 1 
HETATM 446 C  C08 . XYV D 3 .  ? -0.572  -6.814  -14.814 1.00 20.65 ?  303 XYV A C08 1 
HETATM 447 C  C09 . XYV D 3 .  ? 1.163   -4.412  -13.844 1.00 13.37 ?  303 XYV A C09 1 
HETATM 448 C  C11 . XYV D 3 .  ? 3.707   -4.240  -13.673 1.00 14.44 ?  303 XYV A C11 1 
HETATM 449 C  C12 . XYV D 3 .  ? 5.104   -4.313  -14.331 1.00 15.75 ?  303 XYV A C12 1 
HETATM 450 C  C14 . XYV D 3 .  ? 5.129   -5.774  -12.351 1.00 13.65 ?  303 XYV A C14 1 
HETATM 451 C  C16 . XYV D 3 .  ? 3.662   -5.345  -12.545 1.00 17.37 ?  303 XYV A C16 1 
HETATM 452 C  C18 . XYV D 3 .  ? 1.896   -3.820  -11.388 1.00 11.61 ?  303 XYV A C18 1 
HETATM 453 C  C19 . XYV D 3 .  ? 1.156   -3.450  -12.640 1.00 11.51 ?  303 XYV A C19 1 
HETATM 454 C  C23 . XYV D 3 .  ? 7.425   -5.570  -13.759 1.00 25.58 ?  303 XYV A C23 1 
HETATM 455 O  O15 . XYV D 3 .  ? 5.552   -6.518  -11.518 1.00 14.99 ?  303 XYV A O15 1 
HETATM 456 O  O21 . XYV D 3 .  ? 2.673   -2.219  -9.823  1.00 8.04  ?  303 XYV A O21 1 
HETATM 457 O  O22 . XYV D 3 .  ? 2.963   -6.530  -12.888 1.00 14.06 ?  303 XYV A O22 1 
HETATM 458 O  O24 . XYV D 3 .  ? 2.480   -2.994  -15.344 1.00 19.48 ?  303 XYV A O24 1 
HETATM 459 O  O25 . XYV D 3 .  ? -0.856  -3.906  -17.099 1.00 27.06 ?  303 XYV A O25 1 
HETATM 460 O  O27 . XYV D 3 .  ? 0.458   -2.062  -16.942 1.00 18.57 ?  303 XYV A O27 1 
HETATM 461 O  O1  . XP5 E 4 .  ? 0.498   -11.870 -8.855  1.00 33.14 ?  304 XP5 A O1  1 
HETATM 462 O  O2  . XP5 E 4 .  ? 0.186   -14.240 -8.452  1.00 43.57 -1 304 XP5 A O2  1 
HETATM 463 P  P1  . XP5 E 4 .  ? 1.107   -13.069 -8.236  1.00 52.69 ?  304 XP5 A P1  1 
HETATM 464 O  O3  . XP5 E 4 .  ? 1.243   -12.925 -6.593  1.00 39.81 ?  304 XP5 A O3  1 
HETATM 465 C  C1  . XP5 E 4 .  ? 2.515   -12.916 -5.976  1.00 46.54 ?  304 XP5 A C1  1 
HETATM 466 C  C2  . XP5 E 4 .  ? 2.709   -11.696 -5.040  1.00 43.71 ?  304 XP5 A C2  1 
HETATM 467 N  N1  . XP5 E 4 .  ? 1.608   -11.314 -4.141  1.00 51.50 ?  304 XP5 A N1  1 
HETATM 468 C  C3  . XP5 E 4 .  ? 1.265   -12.297 -3.128  1.00 45.34 ?  304 XP5 A C3  1 
HETATM 469 C  C4  . XP5 E 4 .  ? 0.417   -10.985 -4.902  1.00 40.40 ?  304 XP5 A C4  1 
HETATM 470 C  C5  . XP5 E 4 .  ? 2.107   -10.132 -3.461  1.00 40.89 ?  304 XP5 A C5  1 
HETATM 471 O  O4  . XP5 E 4 .  ? 2.546   -13.446 -8.964  1.00 35.72 ?  304 XP5 A O4  1 
HETATM 472 C  C6  . XP5 E 4 .  ? 3.297   -14.466 -8.378  1.00 39.28 ?  304 XP5 A C6  1 
HETATM 473 C  C8  . XP5 E 4 .  ? 5.693   -15.353 -8.332  1.00 48.09 ?  304 XP5 A C8  1 
HETATM 474 O  O5  . XP5 E 4 .  ? 6.941   -15.148 -8.971  1.00 52.92 ?  304 XP5 A O5  1 
HETATM 475 C  C9  . XP5 E 4 .  ? 8.067   -14.938 -8.111  1.00 36.74 ?  304 XP5 A C9  1 
HETATM 476 O  O6  . XP5 E 4 .  ? 9.120   -14.929 -8.622  1.00 42.46 ?  304 XP5 A O6  1 
HETATM 477 C  C10 . XP5 E 4 .  ? 7.897   -14.710 -6.571  1.00 48.31 ?  304 XP5 A C10 1 
HETATM 478 C  C11 . XP5 E 4 .  ? 8.894   -15.467 -5.629  1.00 38.52 ?  304 XP5 A C11 1 
HETATM 479 C  C12 . XP5 E 4 .  ? 8.896   -15.128 -4.089  1.00 29.59 ?  304 XP5 A C12 1 
HETATM 480 C  C13 . XP5 E 4 .  ? 9.230   -13.664 -3.692  1.00 29.48 ?  304 XP5 A C13 1 
HETATM 481 C  C14 . XP5 E 4 .  ? 8.594   -13.262 -2.349  1.00 31.87 ?  304 XP5 A C14 1 
HETATM 482 C  C15 . XP5 E 4 .  ? 9.363   -12.162 -1.604  1.00 47.30 ?  304 XP5 A C15 1 
HETATM 483 O  O7  . XP5 E 4 .  ? 5.548   -11.753 -9.657  1.00 39.74 ?  304 XP5 A O7  1 
HETATM 484 C  C17 . XP5 E 4 .  ? 5.129   -12.558 -10.414 1.00 42.82 ?  304 XP5 A C17 1 
HETATM 485 O  O8  . XP5 E 4 .  ? 4.816   -13.886 -10.045 1.00 38.39 ?  304 XP5 A O8  1 
HETATM 486 C  C18 . XP5 E 4 .  ? 4.897   -12.224 -11.910 1.00 40.05 ?  304 XP5 A C18 1 
HETATM 487 C  C19 . XP5 E 4 .  ? 5.809   -11.142 -12.488 1.00 29.34 ?  304 XP5 A C19 1 
HETATM 488 C  C20 . XP5 E 4 .  ? 4.914   -10.207 -13.312 1.00 30.80 ?  304 XP5 A C20 1 
HETATM 489 C  C21 . XP5 E 4 .  ? 5.693   -9.031  -13.916 1.00 26.57 ?  304 XP5 A C21 1 
HETATM 490 C  C22 . XP5 E 4 .  ? 5.428   -8.886  -15.412 1.00 31.26 ?  304 XP5 A C22 1 
HETATM 491 C  C23 . XP5 E 4 .  ? 6.640   -8.264  -16.116 1.00 36.41 ?  304 XP5 A C23 1 
HETATM 492 C  CAM . XP5 E 4 .  ? 4.782   -14.137 -8.646  1.00 39.39 ?  304 XP5 A CAM 1 
HETATM 493 O  O   . HOH F 5 .  ? -4.442  11.399  11.095  1.00 23.79 ?  401 HOH A O   1 
HETATM 494 O  O   . HOH F 5 .  ? 4.165   6.592   6.470   1.00 30.84 ?  402 HOH A O   1 
HETATM 495 O  O   . HOH F 5 .  ? -1.519  3.008   -9.100  1.00 20.88 ?  403 HOH A O   1 
HETATM 496 O  O   . HOH F 5 .  ? 2.594   -6.860  -1.114  1.00 18.79 ?  404 HOH A O   1 
HETATM 497 O  O   . HOH F 5 .  ? 2.215   4.780   -5.043  1.00 14.69 ?  405 HOH A O   1 
HETATM 498 O  O   . HOH F 5 .  ? -8.549  7.048   8.185   1.00 12.85 ?  406 HOH A O   1 
HETATM 499 O  O   . HOH F 5 .  ? -13.170 6.680   2.552   1.00 24.57 ?  407 HOH A O   1 
HETATM 500 O  O   . HOH F 5 .  ? 1.059   9.146   8.279   1.00 31.88 ?  408 HOH A O   1 
HETATM 501 O  O   . HOH F 5 .  ? 3.763   -7.236  -4.582  1.00 19.76 ?  409 HOH A O   1 
HETATM 502 O  O   . HOH F 5 .  ? -9.323  -6.537  -0.840  1.00 23.94 ?  410 HOH A O   1 
HETATM 503 O  O   . HOH F 5 .  ? 12.627  2.545   -5.964  1.00 22.94 ?  411 HOH A O   1 
HETATM 504 O  O   . HOH F 5 .  ? -4.167  -6.654  -11.232 1.00 18.03 ?  412 HOH A O   1 
HETATM 505 O  O   . HOH F 5 .  ? -8.453  5.029   -1.947  1.00 19.26 ?  413 HOH A O   1 
HETATM 506 O  O   . HOH F 5 .  ? -6.820  1.093   10.905  0.50 20.36 ?  414 HOH A O   1 
HETATM 507 O  O   . HOH F 5 .  ? 3.475   4.732   -7.801  1.00 20.52 ?  415 HOH A O   1 
HETATM 508 O  O   . HOH F 5 .  ? 5.943   5.559   5.538   1.00 17.11 ?  416 HOH A O   1 
HETATM 509 O  O   . HOH F 5 .  ? 11.358  -1.633  -7.370  1.00 21.60 ?  417 HOH A O   1 
HETATM 510 O  O   . HOH F 5 .  ? 5.454   6.554   -4.523  1.00 23.11 ?  418 HOH A O   1 
HETATM 511 O  O   . HOH F 5 .  ? -5.249  -0.379  7.855   1.00 15.60 ?  419 HOH A O   1 
HETATM 512 O  O   . HOH F 5 .  ? 10.120  -6.781  6.891   1.00 31.09 ?  420 HOH A O   1 
HETATM 513 O  O   . HOH F 5 .  ? -7.194  -10.821 -8.122  1.00 29.89 ?  421 HOH A O   1 
HETATM 514 O  O   . HOH F 5 .  ? -8.519  -9.199  -4.518  1.00 13.58 ?  422 HOH A O   1 
HETATM 515 O  O   . HOH F 5 .  ? 7.489   5.612   -3.304  1.00 25.78 ?  423 HOH A O   1 
HETATM 516 O  O   . HOH F 5 .  ? 4.804   -7.520  1.190   1.00 17.75 ?  424 HOH A O   1 
HETATM 517 O  O   . HOH F 5 .  ? 6.238   -6.613  -4.490  1.00 26.58 ?  425 HOH A O   1 
HETATM 518 O  O   . HOH F 5 .  ? -9.819  -3.834  4.500   1.00 20.06 ?  426 HOH A O   1 
HETATM 519 O  O   . HOH F 5 .  ? -8.142  9.964   8.100   1.00 25.64 ?  427 HOH A O   1 
HETATM 520 O  O   . HOH F 5 .  ? -6.568  -11.408 -0.172  1.00 25.19 ?  428 HOH A O   1 
HETATM 521 O  O   . HOH F 5 .  ? -3.841  8.075   14.519  1.00 25.90 ?  429 HOH A O   1 
HETATM 522 O  O   . HOH F 5 .  ? -8.979  -6.208  2.336   1.00 16.12 ?  430 HOH A O   1 
HETATM 523 O  O   . HOH F 5 .  ? 11.482  -4.629  13.442  1.00 21.19 ?  431 HOH A O   1 
HETATM 524 O  O   . HOH F 5 .  ? -4.642  0.847   -10.836 1.00 20.92 ?  432 HOH A O   1 
HETATM 525 O  O   . HOH F 5 .  ? -2.178  10.198  4.502   1.00 28.27 ?  433 HOH A O   1 
HETATM 526 O  O   . HOH F 5 .  ? 12.352  -2.924  8.587   1.00 27.00 ?  434 HOH A O   1 
HETATM 527 O  O   . HOH F 5 .  ? -8.734  -9.426  -2.054  1.00 23.76 ?  435 HOH A O   1 
HETATM 528 O  O   . HOH F 5 .  ? -6.602  -5.948  -12.190 1.00 29.60 ?  436 HOH A O   1 
HETATM 529 O  O   . HOH F 5 .  ? 4.640   -14.732 -4.334  1.00 31.28 ?  437 HOH A O   1 
HETATM 530 O  O   . HOH F 5 .  ? 6.123   9.551   -4.181  1.00 36.67 ?  438 HOH A O   1 
# 
loop_
_pdbx_poly_seq_scheme.asym_id 
_pdbx_poly_seq_scheme.entity_id 
_pdbx_poly_seq_scheme.seq_id 
_pdbx_poly_seq_scheme.mon_id 
_pdbx_poly_seq_scheme.ndb_seq_num 
_pdbx_poly_seq_scheme.pdb_seq_num 
_pdbx_poly_seq_scheme.auth_seq_num 
_pdbx_poly_seq_scheme.pdb_mon_id 
_pdbx_poly_seq_scheme.auth_mon_id 
_pdbx_poly_seq_scheme.pdb_strand_id 
_pdbx_poly_seq_scheme.pdb_ins_code 
_pdbx_poly_seq_scheme.hetero 
A 1 1  MET 1  229 229 MET MET A . n 
A 1 2  PRO 2  230 230 PRO PRO A . n 
A 1 3  HIS 3  231 231 HIS HIS A . n 
A 1 4  ARG 4  232 232 ARG ARG A . n 
A 1 5  PHE 5  233 233 PHE PHE A . n 
A 1 6  LYS 6  234 234 LYS LYS A . n 
A 1 7  VAL 7  235 235 VAL VAL A . n 
A 1 8  TYR 8  236 236 TYR TYR A . n 
A 1 9  ASN 9  237 237 ASN ASN A . n 
A 1 10 TYR 10 238 238 TYR TYR A . n 
A 1 11 MET 11 239 239 MET MET A . n 
A 1 12 SER 12 240 240 SER SER A . n 
A 1 13 PRO 13 241 241 PRO PRO A . n 
A 1 14 THR 14 242 242 THR THR A . n 
A 1 15 PHE 15 243 243 PHE PHE A . n 
A 1 16 CYS 16 244 244 CYS CYS A . n 
A 1 17 ASP 17 245 245 ASP ASP A . n 
A 1 18 HIS 18 246 246 HIS HIS A . n 
A 1 19 CYS 19 247 247 CYS CYS A . n 
A 1 20 GLY 20 248 248 GLY GLY A . n 
A 1 21 SER 21 249 249 SER SER A . n 
A 1 22 LEU 22 250 250 LEU LEU A . n 
A 1 23 LEU 23 251 251 LEU LEU A . n 
A 1 24 TRP 24 252 252 TRP TRP A . n 
A 1 25 GLY 25 253 253 GLY GLY A . n 
A 1 26 LEU 26 254 254 LEU LEU A . n 
A 1 27 VAL 27 255 255 VAL VAL A . n 
A 1 28 LYS 28 256 256 LYS LYS A . n 
A 1 29 GLN 29 257 257 GLN GLN A . n 
A 1 30 GLY 30 258 258 GLY GLY A . n 
A 1 31 LEU 31 259 259 LEU LEU A . n 
A 1 32 LYS 32 260 260 LYS LYS A . n 
A 1 33 CYS 33 261 261 CYS CYS A . n 
A 1 34 GLU 34 262 262 GLU GLU A . n 
A 1 35 ASP 35 263 263 ASP ASP A . n 
A 1 36 CYS 36 264 264 CYS CYS A . n 
A 1 37 GLY 37 265 265 GLY GLY A . n 
A 1 38 MET 38 266 266 MET MET A . n 
A 1 39 ASN 39 267 267 ASN ASN A . n 
A 1 40 VAL 40 268 268 VAL VAL A . n 
A 1 41 HIS 41 269 269 HIS HIS A . n 
A 1 42 HIS 42 270 270 HIS HIS A . n 
A 1 43 LYS 43 271 271 LYS LYS A . n 
A 1 44 CYS 44 272 272 CYS CYS A . n 
A 1 45 ARG 45 273 273 ARG ARG A . n 
A 1 46 GLU 46 274 274 GLU GLU A . n 
A 1 47 LYS 47 275 275 LYS LYS A . n 
A 1 48 VAL 48 276 276 VAL VAL A . n 
A 1 49 ALA 49 277 277 ALA ALA A . n 
A 1 50 ASN 50 278 278 ASN ASN A . n 
A 1 51 LEU 51 279 279 LEU LEU A . n 
A 1 52 CYS 52 280 280 CYS CYS A . n 
A 1 53 GLY 53 281 ?   ?   ?   A . n 
# 
loop_
_pdbx_nonpoly_scheme.asym_id 
_pdbx_nonpoly_scheme.entity_id 
_pdbx_nonpoly_scheme.mon_id 
_pdbx_nonpoly_scheme.ndb_seq_num 
_pdbx_nonpoly_scheme.pdb_seq_num 
_pdbx_nonpoly_scheme.auth_seq_num 
_pdbx_nonpoly_scheme.pdb_mon_id 
_pdbx_nonpoly_scheme.auth_mon_id 
_pdbx_nonpoly_scheme.pdb_strand_id 
_pdbx_nonpoly_scheme.pdb_ins_code 
B 2 ZN  1  301 1  ZN  ZN  A . 
C 2 ZN  1  302 2  ZN  ZN  A . 
D 3 XYV 1  303 1  XYV LIG A . 
E 4 XP5 1  304 1  XP5 PCL A . 
F 5 HOH 1  401 25 HOH HOH A . 
F 5 HOH 2  402 32 HOH HOH A . 
F 5 HOH 3  403 26 HOH HOH A . 
F 5 HOH 4  404 3  HOH HOH A . 
F 5 HOH 5  405 9  HOH HOH A . 
F 5 HOH 6  406 2  HOH HOH A . 
F 5 HOH 7  407 35 HOH HOH A . 
F 5 HOH 8  408 36 HOH HOH A . 
F 5 HOH 9  409 15 HOH HOH A . 
F 5 HOH 10 410 16 HOH HOH A . 
F 5 HOH 11 411 18 HOH HOH A . 
F 5 HOH 12 412 4  HOH HOH A . 
F 5 HOH 13 413 27 HOH HOH A . 
F 5 HOH 14 414 5  HOH HOH A . 
F 5 HOH 15 415 12 HOH HOH A . 
F 5 HOH 16 416 28 HOH HOH A . 
F 5 HOH 17 417 11 HOH HOH A . 
F 5 HOH 18 418 19 HOH HOH A . 
F 5 HOH 19 419 13 HOH HOH A . 
F 5 HOH 20 420 38 HOH HOH A . 
F 5 HOH 21 421 37 HOH HOH A . 
F 5 HOH 22 422 23 HOH HOH A . 
F 5 HOH 23 423 30 HOH HOH A . 
F 5 HOH 24 424 10 HOH HOH A . 
F 5 HOH 25 425 31 HOH HOH A . 
F 5 HOH 26 426 7  HOH HOH A . 
F 5 HOH 27 427 21 HOH HOH A . 
F 5 HOH 28 428 34 HOH HOH A . 
F 5 HOH 29 429 17 HOH HOH A . 
F 5 HOH 30 430 22 HOH HOH A . 
F 5 HOH 31 431 39 HOH HOH A . 
F 5 HOH 32 432 24 HOH HOH A . 
F 5 HOH 33 433 8  HOH HOH A . 
F 5 HOH 34 434 20 HOH HOH A . 
F 5 HOH 35 435 14 HOH HOH A . 
F 5 HOH 36 436 33 HOH HOH A . 
F 5 HOH 37 437 29 HOH HOH A . 
F 5 HOH 38 438 40 HOH HOH A . 
# 
_pdbx_struct_assembly.id                   1 
_pdbx_struct_assembly.details              author_defined_assembly 
_pdbx_struct_assembly.method_details       ? 
_pdbx_struct_assembly.oligomeric_details   monomeric 
_pdbx_struct_assembly.oligomeric_count     1 
# 
_pdbx_struct_assembly_gen.assembly_id       1 
_pdbx_struct_assembly_gen.oper_expression   1 
_pdbx_struct_assembly_gen.asym_id_list      A,B,C,D,E,F 
# 
loop_
_pdbx_struct_assembly_prop.biol_id 
_pdbx_struct_assembly_prop.type 
_pdbx_struct_assembly_prop.value 
_pdbx_struct_assembly_prop.details 
1 'ABSA (A^2)' 0    ? 
1 MORE         0    ? 
1 'SSA (A^2)'  4400 ? 
# 
_pdbx_struct_oper_list.id                   1 
_pdbx_struct_oper_list.type                 'identity operation' 
_pdbx_struct_oper_list.name                 1_555 
_pdbx_struct_oper_list.symmetry_operation   x,y,z 
_pdbx_struct_oper_list.matrix[1][1]         1.0000000000 
_pdbx_struct_oper_list.matrix[1][2]         0.0000000000 
_pdbx_struct_oper_list.matrix[1][3]         0.0000000000 
_pdbx_struct_oper_list.vector[1]            0.0000000000 
_pdbx_struct_oper_list.matrix[2][1]         0.0000000000 
_pdbx_struct_oper_list.matrix[2][2]         1.0000000000 
_pdbx_struct_oper_list.matrix[2][3]         0.0000000000 
_pdbx_struct_oper_list.vector[2]            0.0000000000 
_pdbx_struct_oper_list.matrix[3][1]         0.0000000000 
_pdbx_struct_oper_list.matrix[3][2]         0.0000000000 
_pdbx_struct_oper_list.matrix[3][3]         1.0000000000 
_pdbx_struct_oper_list.vector[3]            0.0000000000 
# 
_pdbx_struct_special_symmetry.id              1 
_pdbx_struct_special_symmetry.PDB_model_num   1 
_pdbx_struct_special_symmetry.auth_asym_id    A 
_pdbx_struct_special_symmetry.auth_comp_id    HOH 
_pdbx_struct_special_symmetry.auth_seq_id     414 
_pdbx_struct_special_symmetry.PDB_ins_code    ? 
_pdbx_struct_special_symmetry.label_asym_id   F 
_pdbx_struct_special_symmetry.label_comp_id   HOH 
_pdbx_struct_special_symmetry.label_seq_id    . 
# 
loop_
_pdbx_struct_conn_angle.id 
_pdbx_struct_conn_angle.ptnr1_label_atom_id 
_pdbx_struct_conn_angle.ptnr1_label_alt_id 
_pdbx_struct_conn_angle.ptnr1_label_asym_id 
_pdbx_struct_conn_angle.ptnr1_label_comp_id 
_pdbx_struct_conn_angle.ptnr1_label_seq_id 
_pdbx_struct_conn_angle.ptnr1_auth_atom_id 
_pdbx_struct_conn_angle.ptnr1_auth_asym_id 
_pdbx_struct_conn_angle.ptnr1_auth_comp_id 
_pdbx_struct_conn_angle.ptnr1_auth_seq_id 
_pdbx_struct_conn_angle.ptnr1_PDB_ins_code 
_pdbx_struct_conn_angle.ptnr1_symmetry 
_pdbx_struct_conn_angle.ptnr2_label_atom_id 
_pdbx_struct_conn_angle.ptnr2_label_alt_id 
_pdbx_struct_conn_angle.ptnr2_label_asym_id 
_pdbx_struct_conn_angle.ptnr2_label_comp_id 
_pdbx_struct_conn_angle.ptnr2_label_seq_id 
_pdbx_struct_conn_angle.ptnr2_auth_atom_id 
_pdbx_struct_conn_angle.ptnr2_auth_asym_id 
_pdbx_struct_conn_angle.ptnr2_auth_comp_id 
_pdbx_struct_conn_angle.ptnr2_auth_seq_id 
_pdbx_struct_conn_angle.ptnr2_PDB_ins_code 
_pdbx_struct_conn_angle.ptnr2_symmetry 
_pdbx_struct_conn_angle.ptnr3_label_atom_id 
_pdbx_struct_conn_angle.ptnr3_label_alt_id 
_pdbx_struct_conn_angle.ptnr3_label_asym_id 
_pdbx_struct_conn_angle.ptnr3_label_comp_id 
_pdbx_struct_conn_angle.ptnr3_label_seq_id 
_pdbx_struct_conn_angle.ptnr3_auth_atom_id 
_pdbx_struct_conn_angle.ptnr3_auth_asym_id 
_pdbx_struct_conn_angle.ptnr3_auth_comp_id 
_pdbx_struct_conn_angle.ptnr3_auth_seq_id 
_pdbx_struct_conn_angle.ptnr3_PDB_ins_code 
_pdbx_struct_conn_angle.ptnr3_symmetry 
_pdbx_struct_conn_angle.value 
_pdbx_struct_conn_angle.value_esd 
1  ND1 ? A HIS 3  ? A HIS 231 ? 1_555 ZN ? B ZN . ? A ZN 301 ? 1_555 SG  ? A CYS 33 ? A CYS 261 ? 1_555 114.1 ? 
2  ND1 ? A HIS 3  ? A HIS 231 ? 1_555 ZN ? B ZN . ? A ZN 301 ? 1_555 SG  ? A CYS 36 ? A CYS 264 ? 1_555 106.5 ? 
3  SG  ? A CYS 33 ? A CYS 261 ? 1_555 ZN ? B ZN . ? A ZN 301 ? 1_555 SG  ? A CYS 36 ? A CYS 264 ? 1_555 107.9 ? 
4  ND1 ? A HIS 3  ? A HIS 231 ? 1_555 ZN ? B ZN . ? A ZN 301 ? 1_555 SG  ? A CYS 52 ? A CYS 280 ? 1_555 108.4 ? 
5  SG  ? A CYS 33 ? A CYS 261 ? 1_555 ZN ? B ZN . ? A ZN 301 ? 1_555 SG  ? A CYS 52 ? A CYS 280 ? 1_555 106.0 ? 
6  SG  ? A CYS 36 ? A CYS 264 ? 1_555 ZN ? B ZN . ? A ZN 301 ? 1_555 SG  ? A CYS 52 ? A CYS 280 ? 1_555 114.1 ? 
7  SG  ? A CYS 16 ? A CYS 244 ? 1_555 ZN ? C ZN . ? A ZN 302 ? 1_555 SG  ? A CYS 19 ? A CYS 247 ? 1_555 109.5 ? 
8  SG  ? A CYS 16 ? A CYS 244 ? 1_555 ZN ? C ZN . ? A ZN 302 ? 1_555 ND1 ? A HIS 41 ? A HIS 269 ? 1_555 100.8 ? 
9  SG  ? A CYS 19 ? A CYS 247 ? 1_555 ZN ? C ZN . ? A ZN 302 ? 1_555 ND1 ? A HIS 41 ? A HIS 269 ? 1_555 98.9  ? 
10 SG  ? A CYS 16 ? A CYS 244 ? 1_555 ZN ? C ZN . ? A ZN 302 ? 1_555 SG  ? A CYS 44 ? A CYS 272 ? 1_555 115.6 ? 
11 SG  ? A CYS 19 ? A CYS 247 ? 1_555 ZN ? C ZN . ? A ZN 302 ? 1_555 SG  ? A CYS 44 ? A CYS 272 ? 1_555 112.1 ? 
12 ND1 ? A HIS 41 ? A HIS 269 ? 1_555 ZN ? C ZN . ? A ZN 302 ? 1_555 SG  ? A CYS 44 ? A CYS 272 ? 1_555 118.2 ? 
# 
loop_
_pdbx_audit_revision_history.ordinal 
_pdbx_audit_revision_history.data_content_type 
_pdbx_audit_revision_history.major_revision 
_pdbx_audit_revision_history.minor_revision 
_pdbx_audit_revision_history.revision_date 
1 'Structure model' 1 0 2022-05-04 
2 'Structure model' 1 1 2022-07-13 
3 'Structure model' 1 2 2023-10-18 
# 
_pdbx_audit_revision_details.ordinal             1 
_pdbx_audit_revision_details.revision_ordinal    1 
_pdbx_audit_revision_details.data_content_type   'Structure model' 
_pdbx_audit_revision_details.provider            repository 
_pdbx_audit_revision_details.type                'Initial release' 
_pdbx_audit_revision_details.description         ? 
_pdbx_audit_revision_details.details             ? 
# 
loop_
_pdbx_audit_revision_group.ordinal 
_pdbx_audit_revision_group.revision_ordinal 
_pdbx_audit_revision_group.data_content_type 
_pdbx_audit_revision_group.group 
1 2 'Structure model' 'Database references'    
2 3 'Structure model' 'Data collection'        
3 3 'Structure model' 'Refinement description' 
# 
loop_
_pdbx_audit_revision_category.ordinal 
_pdbx_audit_revision_category.revision_ordinal 
_pdbx_audit_revision_category.data_content_type 
_pdbx_audit_revision_category.category 
1 2 'Structure model' citation                      
2 2 'Structure model' citation_author               
3 3 'Structure model' chem_comp_atom                
4 3 'Structure model' chem_comp_bond                
5 3 'Structure model' pdbx_initial_refinement_model 
# 
loop_
_pdbx_audit_revision_item.ordinal 
_pdbx_audit_revision_item.revision_ordinal 
_pdbx_audit_revision_item.data_content_type 
_pdbx_audit_revision_item.item 
1  2 'Structure model' '_citation.country'                 
2  2 'Structure model' '_citation.journal_abbrev'          
3  2 'Structure model' '_citation.journal_id_CSD'          
4  2 'Structure model' '_citation.journal_id_ISSN'         
5  2 'Structure model' '_citation.journal_volume'          
6  2 'Structure model' '_citation.page_first'              
7  2 'Structure model' '_citation.page_last'               
8  2 'Structure model' '_citation.pdbx_database_id_DOI'    
9  2 'Structure model' '_citation.pdbx_database_id_PubMed' 
10 2 'Structure model' '_citation.title'                   
11 2 'Structure model' '_citation.year'                    
# 
loop_
_software.citation_id 
_software.classification 
_software.compiler_name 
_software.compiler_version 
_software.contact_author 
_software.contact_author_email 
_software.date 
_software.description 
_software.dependencies 
_software.hardware 
_software.language 
_software.location 
_software.mods 
_software.name 
_software.os 
_software.os_version 
_software.type 
_software.version 
_software.pdbx_ordinal 
? refinement        ? ? ? ? ? ? ? ? ? ? ? PHENIX      ? ? ? 1.18.2_3874 1 
? 'data reduction'  ? ? ? ? ? ? ? ? ? ? ? SAINT       ? ? ? .           2 
? 'data scaling'    ? ? ? ? ? ? ? ? ? ? ? SAINT       ? ? ? .           3 
? 'data extraction' ? ? ? ? ? ? ? ? ? ? ? PDB_EXTRACT ? ? ? 3.27        4 
? phasing           ? ? ? ? ? ? ? ? ? ? ? MOLREP      ? ? ? .           5 
# 
_pdbx_entry_details.entry_id                 7LCB 
_pdbx_entry_details.nonpolymer_details       ? 
_pdbx_entry_details.sequence_details         ? 
_pdbx_entry_details.compound_details         ? 
_pdbx_entry_details.source_details           ? 
_pdbx_entry_details.has_ligand_of_interest   Y 
# 
_pdbx_unobs_or_zero_occ_residues.id               1 
_pdbx_unobs_or_zero_occ_residues.PDB_model_num    1 
_pdbx_unobs_or_zero_occ_residues.polymer_flag     Y 
_pdbx_unobs_or_zero_occ_residues.occupancy_flag   1 
_pdbx_unobs_or_zero_occ_residues.auth_asym_id     A 
_pdbx_unobs_or_zero_occ_residues.auth_comp_id     GLY 
_pdbx_unobs_or_zero_occ_residues.auth_seq_id      281 
_pdbx_unobs_or_zero_occ_residues.PDB_ins_code     ? 
_pdbx_unobs_or_zero_occ_residues.label_asym_id    A 
_pdbx_unobs_or_zero_occ_residues.label_comp_id    GLY 
_pdbx_unobs_or_zero_occ_residues.label_seq_id     53 
# 
loop_
_chem_comp_atom.comp_id 
_chem_comp_atom.atom_id 
_chem_comp_atom.type_symbol 
_chem_comp_atom.pdbx_aromatic_flag 
_chem_comp_atom.pdbx_stereo_config 
_chem_comp_atom.pdbx_ordinal 
ALA N    N  N N 1   
ALA CA   C  N S 2   
ALA C    C  N N 3   
ALA O    O  N N 4   
ALA CB   C  N N 5   
ALA OXT  O  N N 6   
ALA H    H  N N 7   
ALA H2   H  N N 8   
ALA HA   H  N N 9   
ALA HB1  H  N N 10  
ALA HB2  H  N N 11  
ALA HB3  H  N N 12  
ALA HXT  H  N N 13  
ARG N    N  N N 14  
ARG CA   C  N S 15  
ARG C    C  N N 16  
ARG O    O  N N 17  
ARG CB   C  N N 18  
ARG CG   C  N N 19  
ARG CD   C  N N 20  
ARG NE   N  N N 21  
ARG CZ   C  N N 22  
ARG NH1  N  N N 23  
ARG NH2  N  N N 24  
ARG OXT  O  N N 25  
ARG H    H  N N 26  
ARG H2   H  N N 27  
ARG HA   H  N N 28  
ARG HB2  H  N N 29  
ARG HB3  H  N N 30  
ARG HG2  H  N N 31  
ARG HG3  H  N N 32  
ARG HD2  H  N N 33  
ARG HD3  H  N N 34  
ARG HE   H  N N 35  
ARG HH11 H  N N 36  
ARG HH12 H  N N 37  
ARG HH21 H  N N 38  
ARG HH22 H  N N 39  
ARG HXT  H  N N 40  
ASN N    N  N N 41  
ASN CA   C  N S 42  
ASN C    C  N N 43  
ASN O    O  N N 44  
ASN CB   C  N N 45  
ASN CG   C  N N 46  
ASN OD1  O  N N 47  
ASN ND2  N  N N 48  
ASN OXT  O  N N 49  
ASN H    H  N N 50  
ASN H2   H  N N 51  
ASN HA   H  N N 52  
ASN HB2  H  N N 53  
ASN HB3  H  N N 54  
ASN HD21 H  N N 55  
ASN HD22 H  N N 56  
ASN HXT  H  N N 57  
ASP N    N  N N 58  
ASP CA   C  N S 59  
ASP C    C  N N 60  
ASP O    O  N N 61  
ASP CB   C  N N 62  
ASP CG   C  N N 63  
ASP OD1  O  N N 64  
ASP OD2  O  N N 65  
ASP OXT  O  N N 66  
ASP H    H  N N 67  
ASP H2   H  N N 68  
ASP HA   H  N N 69  
ASP HB2  H  N N 70  
ASP HB3  H  N N 71  
ASP HD2  H  N N 72  
ASP HXT  H  N N 73  
CYS N    N  N N 74  
CYS CA   C  N R 75  
CYS C    C  N N 76  
CYS O    O  N N 77  
CYS CB   C  N N 78  
CYS SG   S  N N 79  
CYS OXT  O  N N 80  
CYS H    H  N N 81  
CYS H2   H  N N 82  
CYS HA   H  N N 83  
CYS HB2  H  N N 84  
CYS HB3  H  N N 85  
CYS HG   H  N N 86  
CYS HXT  H  N N 87  
GLN N    N  N N 88  
GLN CA   C  N S 89  
GLN C    C  N N 90  
GLN O    O  N N 91  
GLN CB   C  N N 92  
GLN CG   C  N N 93  
GLN CD   C  N N 94  
GLN OE1  O  N N 95  
GLN NE2  N  N N 96  
GLN OXT  O  N N 97  
GLN H    H  N N 98  
GLN H2   H  N N 99  
GLN HA   H  N N 100 
GLN HB2  H  N N 101 
GLN HB3  H  N N 102 
GLN HG2  H  N N 103 
GLN HG3  H  N N 104 
GLN HE21 H  N N 105 
GLN HE22 H  N N 106 
GLN HXT  H  N N 107 
GLU N    N  N N 108 
GLU CA   C  N S 109 
GLU C    C  N N 110 
GLU O    O  N N 111 
GLU CB   C  N N 112 
GLU CG   C  N N 113 
GLU CD   C  N N 114 
GLU OE1  O  N N 115 
GLU OE2  O  N N 116 
GLU OXT  O  N N 117 
GLU H    H  N N 118 
GLU H2   H  N N 119 
GLU HA   H  N N 120 
GLU HB2  H  N N 121 
GLU HB3  H  N N 122 
GLU HG2  H  N N 123 
GLU HG3  H  N N 124 
GLU HE2  H  N N 125 
GLU HXT  H  N N 126 
GLY N    N  N N 127 
GLY CA   C  N N 128 
GLY C    C  N N 129 
GLY O    O  N N 130 
GLY OXT  O  N N 131 
GLY H    H  N N 132 
GLY H2   H  N N 133 
GLY HA2  H  N N 134 
GLY HA3  H  N N 135 
GLY HXT  H  N N 136 
HIS N    N  N N 137 
HIS CA   C  N S 138 
HIS C    C  N N 139 
HIS O    O  N N 140 
HIS CB   C  N N 141 
HIS CG   C  Y N 142 
HIS ND1  N  Y N 143 
HIS CD2  C  Y N 144 
HIS CE1  C  Y N 145 
HIS NE2  N  Y N 146 
HIS OXT  O  N N 147 
HIS H    H  N N 148 
HIS H2   H  N N 149 
HIS HA   H  N N 150 
HIS HB2  H  N N 151 
HIS HB3  H  N N 152 
HIS HD1  H  N N 153 
HIS HD2  H  N N 154 
HIS HE1  H  N N 155 
HIS HE2  H  N N 156 
HIS HXT  H  N N 157 
HOH O    O  N N 158 
HOH H1   H  N N 159 
HOH H2   H  N N 160 
LEU N    N  N N 161 
LEU CA   C  N S 162 
LEU C    C  N N 163 
LEU O    O  N N 164 
LEU CB   C  N N 165 
LEU CG   C  N N 166 
LEU CD1  C  N N 167 
LEU CD2  C  N N 168 
LEU OXT  O  N N 169 
LEU H    H  N N 170 
LEU H2   H  N N 171 
LEU HA   H  N N 172 
LEU HB2  H  N N 173 
LEU HB3  H  N N 174 
LEU HG   H  N N 175 
LEU HD11 H  N N 176 
LEU HD12 H  N N 177 
LEU HD13 H  N N 178 
LEU HD21 H  N N 179 
LEU HD22 H  N N 180 
LEU HD23 H  N N 181 
LEU HXT  H  N N 182 
LYS N    N  N N 183 
LYS CA   C  N S 184 
LYS C    C  N N 185 
LYS O    O  N N 186 
LYS CB   C  N N 187 
LYS CG   C  N N 188 
LYS CD   C  N N 189 
LYS CE   C  N N 190 
LYS NZ   N  N N 191 
LYS OXT  O  N N 192 
LYS H    H  N N 193 
LYS H2   H  N N 194 
LYS HA   H  N N 195 
LYS HB2  H  N N 196 
LYS HB3  H  N N 197 
LYS HG2  H  N N 198 
LYS HG3  H  N N 199 
LYS HD2  H  N N 200 
LYS HD3  H  N N 201 
LYS HE2  H  N N 202 
LYS HE3  H  N N 203 
LYS HZ1  H  N N 204 
LYS HZ2  H  N N 205 
LYS HZ3  H  N N 206 
LYS HXT  H  N N 207 
MET N    N  N N 208 
MET CA   C  N S 209 
MET C    C  N N 210 
MET O    O  N N 211 
MET CB   C  N N 212 
MET CG   C  N N 213 
MET SD   S  N N 214 
MET CE   C  N N 215 
MET OXT  O  N N 216 
MET H    H  N N 217 
MET H2   H  N N 218 
MET HA   H  N N 219 
MET HB2  H  N N 220 
MET HB3  H  N N 221 
MET HG2  H  N N 222 
MET HG3  H  N N 223 
MET HE1  H  N N 224 
MET HE2  H  N N 225 
MET HE3  H  N N 226 
MET HXT  H  N N 227 
PHE N    N  N N 228 
PHE CA   C  N S 229 
PHE C    C  N N 230 
PHE O    O  N N 231 
PHE CB   C  N N 232 
PHE CG   C  Y N 233 
PHE CD1  C  Y N 234 
PHE CD2  C  Y N 235 
PHE CE1  C  Y N 236 
PHE CE2  C  Y N 237 
PHE CZ   C  Y N 238 
PHE OXT  O  N N 239 
PHE H    H  N N 240 
PHE H2   H  N N 241 
PHE HA   H  N N 242 
PHE HB2  H  N N 243 
PHE HB3  H  N N 244 
PHE HD1  H  N N 245 
PHE HD2  H  N N 246 
PHE HE1  H  N N 247 
PHE HE2  H  N N 248 
PHE HZ   H  N N 249 
PHE HXT  H  N N 250 
PRO N    N  N N 251 
PRO CA   C  N S 252 
PRO C    C  N N 253 
PRO O    O  N N 254 
PRO CB   C  N N 255 
PRO CG   C  N N 256 
PRO CD   C  N N 257 
PRO OXT  O  N N 258 
PRO H    H  N N 259 
PRO HA   H  N N 260 
PRO HB2  H  N N 261 
PRO HB3  H  N N 262 
PRO HG2  H  N N 263 
PRO HG3  H  N N 264 
PRO HD2  H  N N 265 
PRO HD3  H  N N 266 
PRO HXT  H  N N 267 
SER N    N  N N 268 
SER CA   C  N S 269 
SER C    C  N N 270 
SER O    O  N N 271 
SER CB   C  N N 272 
SER OG   O  N N 273 
SER OXT  O  N N 274 
SER H    H  N N 275 
SER H2   H  N N 276 
SER HA   H  N N 277 
SER HB2  H  N N 278 
SER HB3  H  N N 279 
SER HG   H  N N 280 
SER HXT  H  N N 281 
THR N    N  N N 282 
THR CA   C  N S 283 
THR C    C  N N 284 
THR O    O  N N 285 
THR CB   C  N R 286 
THR OG1  O  N N 287 
THR CG2  C  N N 288 
THR OXT  O  N N 289 
THR H    H  N N 290 
THR H2   H  N N 291 
THR HA   H  N N 292 
THR HB   H  N N 293 
THR HG1  H  N N 294 
THR HG21 H  N N 295 
THR HG22 H  N N 296 
THR HG23 H  N N 297 
THR HXT  H  N N 298 
TRP N    N  N N 299 
TRP CA   C  N S 300 
TRP C    C  N N 301 
TRP O    O  N N 302 
TRP CB   C  N N 303 
TRP CG   C  Y N 304 
TRP CD1  C  Y N 305 
TRP CD2  C  Y N 306 
TRP NE1  N  Y N 307 
TRP CE2  C  Y N 308 
TRP CE3  C  Y N 309 
TRP CZ2  C  Y N 310 
TRP CZ3  C  Y N 311 
TRP CH2  C  Y N 312 
TRP OXT  O  N N 313 
TRP H    H  N N 314 
TRP H2   H  N N 315 
TRP HA   H  N N 316 
TRP HB2  H  N N 317 
TRP HB3  H  N N 318 
TRP HD1  H  N N 319 
TRP HE1  H  N N 320 
TRP HE3  H  N N 321 
TRP HZ2  H  N N 322 
TRP HZ3  H  N N 323 
TRP HH2  H  N N 324 
TRP HXT  H  N N 325 
TYR N    N  N N 326 
TYR CA   C  N S 327 
TYR C    C  N N 328 
TYR O    O  N N 329 
TYR CB   C  N N 330 
TYR CG   C  Y N 331 
TYR CD1  C  Y N 332 
TYR CD2  C  Y N 333 
TYR CE1  C  Y N 334 
TYR CE2  C  Y N 335 
TYR CZ   C  Y N 336 
TYR OH   O  N N 337 
TYR OXT  O  N N 338 
TYR H    H  N N 339 
TYR H2   H  N N 340 
TYR HA   H  N N 341 
TYR HB2  H  N N 342 
TYR HB3  H  N N 343 
TYR HD1  H  N N 344 
TYR HD2  H  N N 345 
TYR HE1  H  N N 346 
TYR HE2  H  N N 347 
TYR HH   H  N N 348 
TYR HXT  H  N N 349 
VAL N    N  N N 350 
VAL CA   C  N S 351 
VAL C    C  N N 352 
VAL O    O  N N 353 
VAL CB   C  N N 354 
VAL CG1  C  N N 355 
VAL CG2  C  N N 356 
VAL OXT  O  N N 357 
VAL H    H  N N 358 
VAL H2   H  N N 359 
VAL HA   H  N N 360 
VAL HB   H  N N 361 
VAL HG11 H  N N 362 
VAL HG12 H  N N 363 
VAL HG13 H  N N 364 
VAL HG21 H  N N 365 
VAL HG22 H  N N 366 
VAL HG23 H  N N 367 
VAL HXT  H  N N 368 
XP5 O1   O  N N 369 
XP5 O2   O  N N 370 
XP5 P1   P  N S 371 
XP5 O3   O  N N 372 
XP5 C1   C  N N 373 
XP5 C2   C  N N 374 
XP5 N1   N  N N 375 
XP5 C3   C  N N 376 
XP5 C4   C  N N 377 
XP5 C5   C  N N 378 
XP5 O4   O  N N 379 
XP5 C6   C  N N 380 
XP5 C8   C  N N 381 
XP5 O5   O  N N 382 
XP5 C9   C  N N 383 
XP5 O6   O  N N 384 
XP5 C10  C  N N 385 
XP5 C11  C  N N 386 
XP5 C12  C  N N 387 
XP5 C13  C  N N 388 
XP5 C14  C  N N 389 
XP5 C15  C  N N 390 
XP5 O7   O  N N 391 
XP5 C17  C  N N 392 
XP5 O8   O  N N 393 
XP5 C18  C  N N 394 
XP5 C19  C  N N 395 
XP5 C20  C  N N 396 
XP5 C21  C  N N 397 
XP5 C22  C  N N 398 
XP5 C23  C  N N 399 
XP5 CAM  C  N R 400 
XP5 H2   H  N N 401 
XP5 H11C H  N N 402 
XP5 H12C H  N N 403 
XP5 H21C H  N N 404 
XP5 H22C H  N N 405 
XP5 H31C H  N N 406 
XP5 H32C H  N N 407 
XP5 H33C H  N N 408 
XP5 H41C H  N N 409 
XP5 H42C H  N N 410 
XP5 H43C H  N N 411 
XP5 H51C H  N N 412 
XP5 H52C H  N N 413 
XP5 H53C H  N N 414 
XP5 H61C H  N N 415 
XP5 H62C H  N N 416 
XP5 HAM  H  N N 417 
XP5 H81C H  N N 418 
XP5 H82C H  N N 419 
XP5 H101 H  N N 420 
XP5 H102 H  N N 421 
XP5 H111 H  N N 422 
XP5 H112 H  N N 423 
XP5 H121 H  N N 424 
XP5 H122 H  N N 425 
XP5 H131 H  N N 426 
XP5 H132 H  N N 427 
XP5 H141 H  N N 428 
XP5 H142 H  N N 429 
XP5 H151 H  N N 430 
XP5 H152 H  N N 431 
XP5 H153 H  N N 432 
XP5 H181 H  N N 433 
XP5 H182 H  N N 434 
XP5 H191 H  N N 435 
XP5 H192 H  N N 436 
XP5 H201 H  N N 437 
XP5 H202 H  N N 438 
XP5 H211 H  N N 439 
XP5 H212 H  N N 440 
XP5 H221 H  N N 441 
XP5 H222 H  N N 442 
XP5 H231 H  N N 443 
XP5 H232 H  N N 444 
XP5 H233 H  N N 445 
XYV C10  C  N R 446 
XYV C13  C  N N 447 
XYV C17  C  N N 448 
XYV C20  C  N N 449 
XYV C26  C  N N 450 
XYV C28  C  N N 451 
XYV C01  C  N N 452 
XYV C02  C  N R 453 
XYV C03  C  N N 454 
XYV C04  C  N S 455 
XYV C05  C  N R 456 
XYV C06  C  N N 457 
XYV C07  C  N N 458 
XYV C08  C  N N 459 
XYV C09  C  N S 460 
XYV C11  C  N S 461 
XYV C12  C  N N 462 
XYV C14  C  N N 463 
XYV C16  C  N R 464 
XYV C18  C  N N 465 
XYV C19  C  N N 466 
XYV C23  C  N N 467 
XYV O15  O  N N 468 
XYV O21  O  N N 469 
XYV O22  O  N N 470 
XYV O24  O  N N 471 
XYV O25  O  N N 472 
XYV O27  O  N N 473 
XYV H2   H  N N 474 
XYV H3   H  N N 475 
XYV H4   H  N N 476 
XYV H5   H  N N 477 
XYV H6   H  N N 478 
XYV H7   H  N N 479 
XYV H8   H  N N 480 
XYV H9   H  N N 481 
XYV H10  H  N N 482 
XYV H11  H  N N 483 
XYV H12  H  N N 484 
XYV H13  H  N N 485 
XYV H14  H  N N 486 
XYV H15  H  N N 487 
XYV H16  H  N N 488 
XYV H17  H  N N 489 
XYV H18  H  N N 490 
XYV H19  H  N N 491 
XYV H20  H  N N 492 
XYV H21  H  N N 493 
XYV H22  H  N N 494 
XYV H23  H  N N 495 
XYV H25  H  N N 496 
XYV H27  H  N N 497 
XYV H28  H  N N 498 
XYV H29  H  N N 499 
XYV H30  H  N N 500 
XYV H31  H  N N 501 
XYV H32  H  N N 502 
XYV H1   H  N N 503 
ZN  ZN   ZN N N 504 
# 
loop_
_chem_comp_bond.comp_id 
_chem_comp_bond.atom_id_1 
_chem_comp_bond.atom_id_2 
_chem_comp_bond.value_order 
_chem_comp_bond.pdbx_aromatic_flag 
_chem_comp_bond.pdbx_stereo_config 
_chem_comp_bond.pdbx_ordinal 
ALA N   CA   sing N N 1   
ALA N   H    sing N N 2   
ALA N   H2   sing N N 3   
ALA CA  C    sing N N 4   
ALA CA  CB   sing N N 5   
ALA CA  HA   sing N N 6   
ALA C   O    doub N N 7   
ALA C   OXT  sing N N 8   
ALA CB  HB1  sing N N 9   
ALA CB  HB2  sing N N 10  
ALA CB  HB3  sing N N 11  
ALA OXT HXT  sing N N 12  
ARG N   CA   sing N N 13  
ARG N   H    sing N N 14  
ARG N   H2   sing N N 15  
ARG CA  C    sing N N 16  
ARG CA  CB   sing N N 17  
ARG CA  HA   sing N N 18  
ARG C   O    doub N N 19  
ARG C   OXT  sing N N 20  
ARG CB  CG   sing N N 21  
ARG CB  HB2  sing N N 22  
ARG CB  HB3  sing N N 23  
ARG CG  CD   sing N N 24  
ARG CG  HG2  sing N N 25  
ARG CG  HG3  sing N N 26  
ARG CD  NE   sing N N 27  
ARG CD  HD2  sing N N 28  
ARG CD  HD3  sing N N 29  
ARG NE  CZ   sing N N 30  
ARG NE  HE   sing N N 31  
ARG CZ  NH1  sing N N 32  
ARG CZ  NH2  doub N N 33  
ARG NH1 HH11 sing N N 34  
ARG NH1 HH12 sing N N 35  
ARG NH2 HH21 sing N N 36  
ARG NH2 HH22 sing N N 37  
ARG OXT HXT  sing N N 38  
ASN N   CA   sing N N 39  
ASN N   H    sing N N 40  
ASN N   H2   sing N N 41  
ASN CA  C    sing N N 42  
ASN CA  CB   sing N N 43  
ASN CA  HA   sing N N 44  
ASN C   O    doub N N 45  
ASN C   OXT  sing N N 46  
ASN CB  CG   sing N N 47  
ASN CB  HB2  sing N N 48  
ASN CB  HB3  sing N N 49  
ASN CG  OD1  doub N N 50  
ASN CG  ND2  sing N N 51  
ASN ND2 HD21 sing N N 52  
ASN ND2 HD22 sing N N 53  
ASN OXT HXT  sing N N 54  
ASP N   CA   sing N N 55  
ASP N   H    sing N N 56  
ASP N   H2   sing N N 57  
ASP CA  C    sing N N 58  
ASP CA  CB   sing N N 59  
ASP CA  HA   sing N N 60  
ASP C   O    doub N N 61  
ASP C   OXT  sing N N 62  
ASP CB  CG   sing N N 63  
ASP CB  HB2  sing N N 64  
ASP CB  HB3  sing N N 65  
ASP CG  OD1  doub N N 66  
ASP CG  OD2  sing N N 67  
ASP OD2 HD2  sing N N 68  
ASP OXT HXT  sing N N 69  
CYS N   CA   sing N N 70  
CYS N   H    sing N N 71  
CYS N   H2   sing N N 72  
CYS CA  C    sing N N 73  
CYS CA  CB   sing N N 74  
CYS CA  HA   sing N N 75  
CYS C   O    doub N N 76  
CYS C   OXT  sing N N 77  
CYS CB  SG   sing N N 78  
CYS CB  HB2  sing N N 79  
CYS CB  HB3  sing N N 80  
CYS SG  HG   sing N N 81  
CYS OXT HXT  sing N N 82  
GLN N   CA   sing N N 83  
GLN N   H    sing N N 84  
GLN N   H2   sing N N 85  
GLN CA  C    sing N N 86  
GLN CA  CB   sing N N 87  
GLN CA  HA   sing N N 88  
GLN C   O    doub N N 89  
GLN C   OXT  sing N N 90  
GLN CB  CG   sing N N 91  
GLN CB  HB2  sing N N 92  
GLN CB  HB3  sing N N 93  
GLN CG  CD   sing N N 94  
GLN CG  HG2  sing N N 95  
GLN CG  HG3  sing N N 96  
GLN CD  OE1  doub N N 97  
GLN CD  NE2  sing N N 98  
GLN NE2 HE21 sing N N 99  
GLN NE2 HE22 sing N N 100 
GLN OXT HXT  sing N N 101 
GLU N   CA   sing N N 102 
GLU N   H    sing N N 103 
GLU N   H2   sing N N 104 
GLU CA  C    sing N N 105 
GLU CA  CB   sing N N 106 
GLU CA  HA   sing N N 107 
GLU C   O    doub N N 108 
GLU C   OXT  sing N N 109 
GLU CB  CG   sing N N 110 
GLU CB  HB2  sing N N 111 
GLU CB  HB3  sing N N 112 
GLU CG  CD   sing N N 113 
GLU CG  HG2  sing N N 114 
GLU CG  HG3  sing N N 115 
GLU CD  OE1  doub N N 116 
GLU CD  OE2  sing N N 117 
GLU OE2 HE2  sing N N 118 
GLU OXT HXT  sing N N 119 
GLY N   CA   sing N N 120 
GLY N   H    sing N N 121 
GLY N   H2   sing N N 122 
GLY CA  C    sing N N 123 
GLY CA  HA2  sing N N 124 
GLY CA  HA3  sing N N 125 
GLY C   O    doub N N 126 
GLY C   OXT  sing N N 127 
GLY OXT HXT  sing N N 128 
HIS N   CA   sing N N 129 
HIS N   H    sing N N 130 
HIS N   H2   sing N N 131 
HIS CA  C    sing N N 132 
HIS CA  CB   sing N N 133 
HIS CA  HA   sing N N 134 
HIS C   O    doub N N 135 
HIS C   OXT  sing N N 136 
HIS CB  CG   sing N N 137 
HIS CB  HB2  sing N N 138 
HIS CB  HB3  sing N N 139 
HIS CG  ND1  sing Y N 140 
HIS CG  CD2  doub Y N 141 
HIS ND1 CE1  doub Y N 142 
HIS ND1 HD1  sing N N 143 
HIS CD2 NE2  sing Y N 144 
HIS CD2 HD2  sing N N 145 
HIS CE1 NE2  sing Y N 146 
HIS CE1 HE1  sing N N 147 
HIS NE2 HE2  sing N N 148 
HIS OXT HXT  sing N N 149 
HOH O   H1   sing N N 150 
HOH O   H2   sing N N 151 
LEU N   CA   sing N N 152 
LEU N   H    sing N N 153 
LEU N   H2   sing N N 154 
LEU CA  C    sing N N 155 
LEU CA  CB   sing N N 156 
LEU CA  HA   sing N N 157 
LEU C   O    doub N N 158 
LEU C   OXT  sing N N 159 
LEU CB  CG   sing N N 160 
LEU CB  HB2  sing N N 161 
LEU CB  HB3  sing N N 162 
LEU CG  CD1  sing N N 163 
LEU CG  CD2  sing N N 164 
LEU CG  HG   sing N N 165 
LEU CD1 HD11 sing N N 166 
LEU CD1 HD12 sing N N 167 
LEU CD1 HD13 sing N N 168 
LEU CD2 HD21 sing N N 169 
LEU CD2 HD22 sing N N 170 
LEU CD2 HD23 sing N N 171 
LEU OXT HXT  sing N N 172 
LYS N   CA   sing N N 173 
LYS N   H    sing N N 174 
LYS N   H2   sing N N 175 
LYS CA  C    sing N N 176 
LYS CA  CB   sing N N 177 
LYS CA  HA   sing N N 178 
LYS C   O    doub N N 179 
LYS C   OXT  sing N N 180 
LYS CB  CG   sing N N 181 
LYS CB  HB2  sing N N 182 
LYS CB  HB3  sing N N 183 
LYS CG  CD   sing N N 184 
LYS CG  HG2  sing N N 185 
LYS CG  HG3  sing N N 186 
LYS CD  CE   sing N N 187 
LYS CD  HD2  sing N N 188 
LYS CD  HD3  sing N N 189 
LYS CE  NZ   sing N N 190 
LYS CE  HE2  sing N N 191 
LYS CE  HE3  sing N N 192 
LYS NZ  HZ1  sing N N 193 
LYS NZ  HZ2  sing N N 194 
LYS NZ  HZ3  sing N N 195 
LYS OXT HXT  sing N N 196 
MET N   CA   sing N N 197 
MET N   H    sing N N 198 
MET N   H2   sing N N 199 
MET CA  C    sing N N 200 
MET CA  CB   sing N N 201 
MET CA  HA   sing N N 202 
MET C   O    doub N N 203 
MET C   OXT  sing N N 204 
MET CB  CG   sing N N 205 
MET CB  HB2  sing N N 206 
MET CB  HB3  sing N N 207 
MET CG  SD   sing N N 208 
MET CG  HG2  sing N N 209 
MET CG  HG3  sing N N 210 
MET SD  CE   sing N N 211 
MET CE  HE1  sing N N 212 
MET CE  HE2  sing N N 213 
MET CE  HE3  sing N N 214 
MET OXT HXT  sing N N 215 
PHE N   CA   sing N N 216 
PHE N   H    sing N N 217 
PHE N   H2   sing N N 218 
PHE CA  C    sing N N 219 
PHE CA  CB   sing N N 220 
PHE CA  HA   sing N N 221 
PHE C   O    doub N N 222 
PHE C   OXT  sing N N 223 
PHE CB  CG   sing N N 224 
PHE CB  HB2  sing N N 225 
PHE CB  HB3  sing N N 226 
PHE CG  CD1  doub Y N 227 
PHE CG  CD2  sing Y N 228 
PHE CD1 CE1  sing Y N 229 
PHE CD1 HD1  sing N N 230 
PHE CD2 CE2  doub Y N 231 
PHE CD2 HD2  sing N N 232 
PHE CE1 CZ   doub Y N 233 
PHE CE1 HE1  sing N N 234 
PHE CE2 CZ   sing Y N 235 
PHE CE2 HE2  sing N N 236 
PHE CZ  HZ   sing N N 237 
PHE OXT HXT  sing N N 238 
PRO N   CA   sing N N 239 
PRO N   CD   sing N N 240 
PRO N   H    sing N N 241 
PRO CA  C    sing N N 242 
PRO CA  CB   sing N N 243 
PRO CA  HA   sing N N 244 
PRO C   O    doub N N 245 
PRO C   OXT  sing N N 246 
PRO CB  CG   sing N N 247 
PRO CB  HB2  sing N N 248 
PRO CB  HB3  sing N N 249 
PRO CG  CD   sing N N 250 
PRO CG  HG2  sing N N 251 
PRO CG  HG3  sing N N 252 
PRO CD  HD2  sing N N 253 
PRO CD  HD3  sing N N 254 
PRO OXT HXT  sing N N 255 
SER N   CA   sing N N 256 
SER N   H    sing N N 257 
SER N   H2   sing N N 258 
SER CA  C    sing N N 259 
SER CA  CB   sing N N 260 
SER CA  HA   sing N N 261 
SER C   O    doub N N 262 
SER C   OXT  sing N N 263 
SER CB  OG   sing N N 264 
SER CB  HB2  sing N N 265 
SER CB  HB3  sing N N 266 
SER OG  HG   sing N N 267 
SER OXT HXT  sing N N 268 
THR N   CA   sing N N 269 
THR N   H    sing N N 270 
THR N   H2   sing N N 271 
THR CA  C    sing N N 272 
THR CA  CB   sing N N 273 
THR CA  HA   sing N N 274 
THR C   O    doub N N 275 
THR C   OXT  sing N N 276 
THR CB  OG1  sing N N 277 
THR CB  CG2  sing N N 278 
THR CB  HB   sing N N 279 
THR OG1 HG1  sing N N 280 
THR CG2 HG21 sing N N 281 
THR CG2 HG22 sing N N 282 
THR CG2 HG23 sing N N 283 
THR OXT HXT  sing N N 284 
TRP N   CA   sing N N 285 
TRP N   H    sing N N 286 
TRP N   H2   sing N N 287 
TRP CA  C    sing N N 288 
TRP CA  CB   sing N N 289 
TRP CA  HA   sing N N 290 
TRP C   O    doub N N 291 
TRP C   OXT  sing N N 292 
TRP CB  CG   sing N N 293 
TRP CB  HB2  sing N N 294 
TRP CB  HB3  sing N N 295 
TRP CG  CD1  doub Y N 296 
TRP CG  CD2  sing Y N 297 
TRP CD1 NE1  sing Y N 298 
TRP CD1 HD1  sing N N 299 
TRP CD2 CE2  doub Y N 300 
TRP CD2 CE3  sing Y N 301 
TRP NE1 CE2  sing Y N 302 
TRP NE1 HE1  sing N N 303 
TRP CE2 CZ2  sing Y N 304 
TRP CE3 CZ3  doub Y N 305 
TRP CE3 HE3  sing N N 306 
TRP CZ2 CH2  doub Y N 307 
TRP CZ2 HZ2  sing N N 308 
TRP CZ3 CH2  sing Y N 309 
TRP CZ3 HZ3  sing N N 310 
TRP CH2 HH2  sing N N 311 
TRP OXT HXT  sing N N 312 
TYR N   CA   sing N N 313 
TYR N   H    sing N N 314 
TYR N   H2   sing N N 315 
TYR CA  C    sing N N 316 
TYR CA  CB   sing N N 317 
TYR CA  HA   sing N N 318 
TYR C   O    doub N N 319 
TYR C   OXT  sing N N 320 
TYR CB  CG   sing N N 321 
TYR CB  HB2  sing N N 322 
TYR CB  HB3  sing N N 323 
TYR CG  CD1  doub Y N 324 
TYR CG  CD2  sing Y N 325 
TYR CD1 CE1  sing Y N 326 
TYR CD1 HD1  sing N N 327 
TYR CD2 CE2  doub Y N 328 
TYR CD2 HD2  sing N N 329 
TYR CE1 CZ   doub Y N 330 
TYR CE1 HE1  sing N N 331 
TYR CE2 CZ   sing Y N 332 
TYR CE2 HE2  sing N N 333 
TYR CZ  OH   sing N N 334 
TYR OH  HH   sing N N 335 
TYR OXT HXT  sing N N 336 
VAL N   CA   sing N N 337 
VAL N   H    sing N N 338 
VAL N   H2   sing N N 339 
VAL CA  C    sing N N 340 
VAL CA  CB   sing N N 341 
VAL CA  HA   sing N N 342 
VAL C   O    doub N N 343 
VAL C   OXT  sing N N 344 
VAL CB  CG1  sing N N 345 
VAL CB  CG2  sing N N 346 
VAL CB  HB   sing N N 347 
VAL CG1 HG11 sing N N 348 
VAL CG1 HG12 sing N N 349 
VAL CG1 HG13 sing N N 350 
VAL CG2 HG21 sing N N 351 
VAL CG2 HG22 sing N N 352 
VAL CG2 HG23 sing N N 353 
VAL OXT HXT  sing N N 354 
XP5 O1  P1   doub N N 355 
XP5 O2  P1   sing N N 356 
XP5 P1  O3   sing N N 357 
XP5 P1  O4   sing N N 358 
XP5 O3  C1   sing N N 359 
XP5 C1  C2   sing N N 360 
XP5 C2  N1   sing N N 361 
XP5 N1  C3   sing N N 362 
XP5 N1  C4   sing N N 363 
XP5 N1  C5   sing N N 364 
XP5 O4  C6   sing N N 365 
XP5 C6  CAM  sing N N 366 
XP5 C8  O5   sing N N 367 
XP5 C8  CAM  sing N N 368 
XP5 O5  C9   sing N N 369 
XP5 C9  O6   doub N N 370 
XP5 C9  C10  sing N N 371 
XP5 C10 C11  sing N N 372 
XP5 C11 C12  sing N N 373 
XP5 C12 C13  sing N N 374 
XP5 C13 C14  sing N N 375 
XP5 C14 C15  sing N N 376 
XP5 O7  C17  doub N N 377 
XP5 C17 O8   sing N N 378 
XP5 C17 C18  sing N N 379 
XP5 O8  CAM  sing N N 380 
XP5 C18 C19  sing N N 381 
XP5 C19 C20  sing N N 382 
XP5 C20 C21  sing N N 383 
XP5 C21 C22  sing N N 384 
XP5 C22 C23  sing N N 385 
XP5 O2  H2   sing N N 386 
XP5 C1  H11C sing N N 387 
XP5 C1  H12C sing N N 388 
XP5 C2  H21C sing N N 389 
XP5 C2  H22C sing N N 390 
XP5 C3  H31C sing N N 391 
XP5 C3  H32C sing N N 392 
XP5 C3  H33C sing N N 393 
XP5 C4  H41C sing N N 394 
XP5 C4  H42C sing N N 395 
XP5 C4  H43C sing N N 396 
XP5 C5  H51C sing N N 397 
XP5 C5  H52C sing N N 398 
XP5 C5  H53C sing N N 399 
XP5 C6  H61C sing N N 400 
XP5 C6  H62C sing N N 401 
XP5 CAM HAM  sing N N 402 
XP5 C8  H81C sing N N 403 
XP5 C8  H82C sing N N 404 
XP5 C10 H101 sing N N 405 
XP5 C10 H102 sing N N 406 
XP5 C11 H111 sing N N 407 
XP5 C11 H112 sing N N 408 
XP5 C12 H121 sing N N 409 
XP5 C12 H122 sing N N 410 
XP5 C13 H131 sing N N 411 
XP5 C13 H132 sing N N 412 
XP5 C14 H141 sing N N 413 
XP5 C14 H142 sing N N 414 
XP5 C15 H151 sing N N 415 
XP5 C15 H152 sing N N 416 
XP5 C15 H153 sing N N 417 
XP5 C18 H181 sing N N 418 
XP5 C18 H182 sing N N 419 
XP5 C19 H191 sing N N 420 
XP5 C19 H192 sing N N 421 
XP5 C20 H201 sing N N 422 
XP5 C20 H202 sing N N 423 
XP5 C21 H211 sing N N 424 
XP5 C21 H212 sing N N 425 
XP5 C22 H221 sing N N 426 
XP5 C22 H222 sing N N 427 
XP5 C23 H231 sing N N 428 
XP5 C23 H232 sing N N 429 
XP5 C23 H233 sing N N 430 
XYV C01 C02  sing N N 431 
XYV C28 C26  sing N N 432 
XYV C03 C02  sing N N 433 
XYV C03 C04  sing N N 434 
XYV C26 O25  sing N N 435 
XYV C26 O27  doub N N 436 
XYV C02 C10  sing N N 437 
XYV O25 C04  sing N N 438 
XYV C23 C13  sing N N 439 
XYV C04 C06  sing N N 440 
XYV C04 C05  sing N N 441 
XYV C12 C13  doub N N 442 
XYV C12 C11  sing N N 443 
XYV O24 C10  sing N N 444 
XYV C10 C11  sing N N 445 
XYV C10 C09  sing N N 446 
XYV C13 C14  sing N N 447 
XYV C06 C08  sing N N 448 
XYV C06 C07  sing N N 449 
XYV C06 C05  sing N N 450 
XYV C11 C16  sing N N 451 
XYV C05 C09  sing N N 452 
XYV C14 C16  sing N N 453 
XYV C14 O15  doub N N 454 
XYV C09 C19  sing N N 455 
XYV O22 C16  sing N N 456 
XYV C16 C17  sing N N 457 
XYV C19 C18  doub N N 458 
XYV C17 C18  sing N N 459 
XYV C18 C20  sing N N 460 
XYV C20 O21  sing N N 461 
XYV C17 H2   sing N N 462 
XYV C20 H3   sing N N 463 
XYV C20 H4   sing N N 464 
XYV C28 H5   sing N N 465 
XYV C28 H6   sing N N 466 
XYV C28 H7   sing N N 467 
XYV C01 H8   sing N N 468 
XYV C01 H9   sing N N 469 
XYV C01 H10  sing N N 470 
XYV C02 H11  sing N N 471 
XYV C03 H12  sing N N 472 
XYV C03 H13  sing N N 473 
XYV C05 H14  sing N N 474 
XYV C07 H15  sing N N 475 
XYV C07 H16  sing N N 476 
XYV C07 H17  sing N N 477 
XYV C08 H18  sing N N 478 
XYV C08 H19  sing N N 479 
XYV C08 H20  sing N N 480 
XYV C09 H21  sing N N 481 
XYV C11 H22  sing N N 482 
XYV C12 H23  sing N N 483 
XYV C19 H25  sing N N 484 
XYV C23 H27  sing N N 485 
XYV C23 H28  sing N N 486 
XYV C23 H29  sing N N 487 
XYV O21 H30  sing N N 488 
XYV O22 H31  sing N N 489 
XYV O24 H32  sing N N 490 
XYV C17 H1   sing N N 491 
# 
_pdbx_audit_support.funding_organization   
'National Institutes of Health/National Institute of General Medical Sciences (NIH/NIGMS)' 
_pdbx_audit_support.country                'United States' 
_pdbx_audit_support.grant_number           R01GM108998 
_pdbx_audit_support.ordinal                1 
# 
loop_
_pdbx_entity_instance_feature.ordinal 
_pdbx_entity_instance_feature.comp_id 
_pdbx_entity_instance_feature.asym_id 
_pdbx_entity_instance_feature.seq_num 
_pdbx_entity_instance_feature.auth_comp_id 
_pdbx_entity_instance_feature.auth_asym_id 
_pdbx_entity_instance_feature.auth_seq_num 
_pdbx_entity_instance_feature.feature_type 
_pdbx_entity_instance_feature.details 
1 XYV ? ? XYV ? ? 'SUBJECT OF INVESTIGATION' ? 
2 XP5 ? ? XP5 ? ? 'SUBJECT OF INVESTIGATION' ? 
# 
loop_
_pdbx_entity_nonpoly.entity_id 
_pdbx_entity_nonpoly.name 
_pdbx_entity_nonpoly.comp_id 
2 'ZINC ION'                                                                                                    ZN  
3 prostratin                                                                                                    XYV 
4 '(4S,7R)-7-(heptanoyloxy)-4-hydroxy-N,N,N-trimethyl-10-oxo-3,5,9-trioxa-4-phosphahexadecan-1-aminium 4-oxide' XP5 
5 water                                                                                                         HOH 
# 
_pdbx_initial_refinement_model.id               1 
_pdbx_initial_refinement_model.entity_id_list   ? 
_pdbx_initial_refinement_model.type             'experimental model' 
_pdbx_initial_refinement_model.source_name      PDB 
_pdbx_initial_refinement_model.accession_code   1PTQ 
_pdbx_initial_refinement_model.details          ? 
# 
_pdbx_struct_assembly_auth_evidence.id                     1 
_pdbx_struct_assembly_auth_evidence.assembly_id            1 
_pdbx_struct_assembly_auth_evidence.experimental_support   'NMR relaxation study' 
_pdbx_struct_assembly_auth_evidence.details                ? 
# 
